data_5ZQ8
#
_entry.id   5ZQ8
#
_cell.length_a   62.230
_cell.length_b   62.259
_cell.length_c   79.818
_cell.angle_alpha   74.580
_cell.angle_beta   85.470
_cell.angle_gamma   65.030
#
_symmetry.space_group_name_H-M   'P 1'
#
loop_
_entity.id
_entity.type
_entity.pdbx_description
1 polymer 'Uncharacterized RNA methyltransferase SP_1029'
2 polymer "RNA (5'-R(*CP*CP*GP*UP*(MUM)P*GP*AP*AP*AP*AP*GP*G)-3')"
3 non-polymer S-ADENOSYL-L-HOMOCYSTEINE
4 non-polymer 'NICKEL (II) ION'
5 water water
#
loop_
_entity_poly.entity_id
_entity_poly.type
_entity_poly.pdbx_seq_one_letter_code
_entity_poly.pdbx_strand_id
1 'polypeptide(L)'
;MLKKNDIVEVEIVDLTHEGAGVAKVDGLVFFVENALPSEKILMRVLKVNKKIGFGKVEKYLVQSPHRNQDLDLAYLRSGI
ADLGHLSYPEQLKFKTKQVKDSLYKIAGIADVEVAETLGMEHPVKYRNKAQVPVRRVNGVLETGFFRKNSHNLMPLEDFF
IQDPVIDQVVVALRDLLRRFDLKPYDEKEQSGLIRNLVVRRGHYSGQIMVVLVTTRPKVFRVDQLIEQVIKQFPEIVSVM
QNINDQNTNAIFGKEWRTLYGQDYITDQMLGNDFQIAGPAFYQVNTEMAEKLYQTAIDFAELKKDDVIIDAYSGIGTIGL
SVAKHVKEVYGVELIPEAVENSQKNASLNKITNAHYVCDTAENAMKKWLKEGIQPTVILVDPPRKGLTESFIKASAQTGA
DRIAYISCNVATMARDIKLYQELGYELKKVQPVDLFPQTHHVQTVALLSKLDVD
;
B,A
2 'polyribonucleotide' CCGU(MUM)GAAAAGG C,D
#
loop_
_chem_comp.id
_chem_comp.type
_chem_comp.name
_chem_comp.formula
A RNA linking ADENOSINE-5'-MONOPHOSPHATE 'C10 H14 N5 O7 P'
C RNA linking CYTIDINE-5'-MONOPHOSPHATE 'C9 H14 N3 O8 P'
G RNA linking GUANOSINE-5'-MONOPHOSPHATE 'C10 H14 N5 O8 P'
MUM RNA linking 5'-O-(dihydroxyphosphanyl)-5-methyl-5,6-dihydrouridine 'C10 H17 N2 O8 P'
NI non-polymer 'NICKEL (II) ION' 'Ni 2'
SAH non-polymer S-ADENOSYL-L-HOMOCYSTEINE 'C14 H20 N6 O5 S'
U RNA linking URIDINE-5'-MONOPHOSPHATE 'C9 H13 N2 O9 P'
#
# COMPACT_ATOMS: atom_id res chain seq x y z
N MET A 1 38.46 0.94 3.57
CA MET A 1 37.47 1.12 2.46
C MET A 1 36.82 2.51 2.57
N LEU A 2 35.97 2.84 1.61
CA LEU A 2 35.19 4.07 1.63
C LEU A 2 34.10 3.96 2.69
N LYS A 3 34.01 5.00 3.53
CA LYS A 3 33.03 5.13 4.59
C LYS A 3 32.58 6.58 4.67
N LYS A 4 31.56 6.82 5.51
CA LYS A 4 30.88 8.10 5.64
C LYS A 4 31.90 9.25 5.71
N ASN A 5 31.54 10.34 5.03
CA ASN A 5 32.35 11.50 4.63
C ASN A 5 33.86 11.21 4.67
N ASP A 6 34.29 10.22 3.88
CA ASP A 6 35.57 10.25 3.18
C ASP A 6 35.37 11.18 1.98
N ILE A 7 36.48 11.68 1.43
CA ILE A 7 36.48 12.72 0.36
C ILE A 7 37.17 12.15 -0.88
N VAL A 8 36.50 12.23 -2.05
CA VAL A 8 37.01 11.57 -3.25
C VAL A 8 36.64 12.37 -4.52
N GLU A 9 37.64 12.47 -5.42
CA GLU A 9 37.51 13.06 -6.72
C GLU A 9 36.86 12.02 -7.64
N VAL A 10 35.77 12.42 -8.29
CA VAL A 10 35.06 11.57 -9.22
C VAL A 10 34.61 12.40 -10.40
N GLU A 11 34.18 11.67 -11.44
CA GLU A 11 33.68 12.16 -12.70
C GLU A 11 32.28 11.57 -12.89
N ILE A 12 31.30 12.41 -13.21
CA ILE A 12 29.93 11.97 -13.46
C ILE A 12 29.81 11.47 -14.91
N VAL A 13 29.19 10.29 -15.11
CA VAL A 13 29.09 9.66 -16.45
C VAL A 13 27.63 9.58 -16.98
N ASP A 14 26.63 9.87 -16.14
CA ASP A 14 25.22 9.70 -16.55
C ASP A 14 24.29 10.36 -15.53
N LEU A 15 23.00 10.38 -15.85
CA LEU A 15 21.95 10.96 -15.02
C LEU A 15 20.89 9.88 -14.77
N THR A 16 20.49 9.72 -13.51
CA THR A 16 19.42 8.77 -13.15
C THR A 16 18.04 9.35 -13.50
N HIS A 17 17.06 8.43 -13.49
CA HIS A 17 15.62 8.71 -13.50
C HIS A 17 15.30 10.05 -12.83
N GLU A 18 15.80 10.25 -11.60
CA GLU A 18 15.48 11.39 -10.75
C GLU A 18 16.31 12.61 -11.14
N GLY A 19 17.29 12.42 -12.03
CA GLY A 19 18.19 13.48 -12.44
C GLY A 19 19.43 13.60 -11.56
N ALA A 20 19.69 12.60 -10.71
CA ALA A 20 20.88 12.54 -9.89
C ALA A 20 22.08 12.07 -10.73
N GLY A 21 23.27 12.52 -10.33
CA GLY A 21 24.51 12.23 -11.04
C GLY A 21 25.07 10.87 -10.64
N VAL A 22 25.48 10.07 -11.63
CA VAL A 22 26.11 8.76 -11.39
C VAL A 22 27.62 8.89 -11.51
N ALA A 23 28.30 8.22 -10.56
CA ALA A 23 29.74 8.15 -10.44
C ALA A 23 30.16 6.71 -10.07
N LYS A 24 31.25 6.23 -10.67
CA LYS A 24 31.84 4.93 -10.34
C LYS A 24 33.06 5.17 -9.44
N VAL A 25 33.14 4.41 -8.34
CA VAL A 25 34.21 4.53 -7.39
C VAL A 25 34.54 3.12 -6.88
N ASP A 26 35.54 2.49 -7.51
CA ASP A 26 36.19 1.26 -7.03
C ASP A 26 35.13 0.16 -6.83
N GLY A 27 34.36 -0.10 -7.90
CA GLY A 27 33.34 -1.14 -7.92
C GLY A 27 31.95 -0.61 -7.55
N LEU A 28 31.91 0.48 -6.78
CA LEU A 28 30.67 1.04 -6.22
C LEU A 28 30.08 2.09 -7.18
N VAL A 29 28.75 2.10 -7.27
CA VAL A 29 28.02 3.17 -7.95
C VAL A 29 27.59 4.19 -6.89
N PHE A 30 27.87 5.47 -7.15
CA PHE A 30 27.47 6.56 -6.25
C PHE A 30 26.43 7.42 -6.96
N PHE A 31 25.44 7.91 -6.19
CA PHE A 31 24.46 8.87 -6.70
C PHE A 31 24.66 10.21 -5.99
N VAL A 32 24.66 11.33 -6.74
CA VAL A 32 24.97 12.64 -6.18
C VAL A 32 24.17 13.74 -6.90
N GLU A 33 23.45 14.54 -6.10
CA GLU A 33 22.59 15.62 -6.59
C GLU A 33 23.43 16.81 -7.05
N ASN A 34 22.89 17.53 -8.03
CA ASN A 34 23.43 18.76 -8.59
C ASN A 34 24.82 18.49 -9.19
N ALA A 35 24.94 17.38 -9.93
CA ALA A 35 26.17 17.00 -10.64
C ALA A 35 25.80 16.38 -12.00
N LEU A 36 26.23 17.04 -13.08
CA LEU A 36 25.92 16.69 -14.48
C LEU A 36 27.04 15.83 -15.06
N PRO A 37 26.76 14.99 -16.08
CA PRO A 37 27.81 14.29 -16.83
C PRO A 37 28.92 15.24 -17.33
N SER A 38 30.16 14.75 -17.26
CA SER A 38 31.41 15.47 -17.62
C SER A 38 31.99 16.21 -16.40
N GLU A 39 31.14 16.71 -15.48
CA GLU A 39 31.59 17.45 -14.29
C GLU A 39 32.50 16.55 -13.45
N LYS A 40 33.53 17.18 -12.86
CA LYS A 40 34.45 16.55 -11.93
C LYS A 40 34.32 17.28 -10.61
N ILE A 41 34.08 16.51 -9.55
CA ILE A 41 33.77 17.06 -8.27
C ILE A 41 34.66 16.37 -7.24
N LEU A 42 34.94 17.10 -6.15
CA LEU A 42 35.27 16.49 -4.90
C LEU A 42 33.94 16.06 -4.31
N MET A 43 33.86 14.78 -3.91
CA MET A 43 32.63 14.16 -3.46
C MET A 43 32.81 13.73 -2.01
N ARG A 44 31.92 14.22 -1.13
CA ARG A 44 31.84 13.71 0.22
C ARG A 44 30.75 12.63 0.23
N VAL A 45 31.11 11.46 0.75
CA VAL A 45 30.24 10.29 0.91
C VAL A 45 29.23 10.54 2.02
N LEU A 46 27.94 10.31 1.75
CA LEU A 46 26.91 10.44 2.76
C LEU A 46 26.61 9.07 3.37
N LYS A 47 26.32 8.09 2.51
CA LYS A 47 26.21 6.69 2.94
C LYS A 47 26.73 5.78 1.83
N VAL A 48 27.27 4.63 2.27
CA VAL A 48 27.76 3.61 1.38
C VAL A 48 27.43 2.24 1.99
N ASN A 49 26.78 1.38 1.19
CA ASN A 49 26.50 -0.04 1.53
C ASN A 49 27.49 -0.92 0.74
N LYS A 50 27.09 -2.16 0.43
CA LYS A 50 27.78 -3.02 -0.53
C LYS A 50 27.11 -2.90 -1.91
N LYS A 51 27.73 -2.10 -2.80
CA LYS A 51 27.25 -1.86 -4.17
C LYS A 51 26.99 -0.37 -4.40
N ILE A 52 26.07 0.20 -3.62
CA ILE A 52 25.52 1.53 -3.89
C ILE A 52 25.95 2.51 -2.79
N GLY A 53 26.01 3.79 -3.14
CA GLY A 53 26.38 4.86 -2.22
C GLY A 53 25.77 6.19 -2.64
N PHE A 54 25.75 7.12 -1.69
CA PHE A 54 25.29 8.49 -1.92
C PHE A 54 26.38 9.48 -1.51
N GLY A 55 26.46 10.59 -2.26
CA GLY A 55 27.50 11.57 -2.11
C GLY A 55 26.99 12.98 -2.33
N LYS A 56 27.72 13.96 -1.79
CA LYS A 56 27.40 15.39 -1.93
C LYS A 56 28.63 16.12 -2.51
N VAL A 57 28.37 17.12 -3.35
CA VAL A 57 29.40 17.95 -3.94
C VAL A 57 30.04 18.83 -2.85
N GLU A 58 31.32 18.63 -2.55
CA GLU A 58 32.10 19.53 -1.67
C GLU A 58 32.61 20.73 -2.47
N LYS A 59 33.19 20.47 -3.65
CA LYS A 59 33.67 21.48 -4.59
C LYS A 59 33.43 20.98 -6.03
N TYR A 60 33.20 21.94 -6.94
CA TYR A 60 33.14 21.68 -8.39
C TYR A 60 34.51 21.99 -9.00
N LEU A 61 35.18 20.96 -9.50
CA LEU A 61 36.49 21.13 -10.13
C LEU A 61 36.28 21.65 -11.55
N VAL A 62 35.47 20.94 -12.35
CA VAL A 62 35.08 21.47 -13.65
C VAL A 62 33.59 21.22 -13.91
N GLN A 63 32.91 22.30 -14.33
CA GLN A 63 31.46 22.33 -14.53
C GLN A 63 31.09 22.08 -16.00
N SER A 64 29.93 21.46 -16.20
CA SER A 64 29.44 21.04 -17.50
C SER A 64 29.25 22.29 -18.35
N PRO A 65 29.32 22.19 -19.69
CA PRO A 65 28.90 23.31 -20.55
C PRO A 65 27.38 23.48 -20.56
N HIS A 66 26.65 22.47 -20.07
CA HIS A 66 25.19 22.41 -20.13
C HIS A 66 24.56 22.90 -18.83
N ARG A 67 25.38 23.13 -17.79
CA ARG A 67 24.88 23.68 -16.53
C ARG A 67 24.21 25.02 -16.80
N ASN A 68 23.16 25.33 -16.02
CA ASN A 68 22.46 26.61 -16.12
C ASN A 68 23.34 27.70 -15.47
N GLN A 69 23.55 27.56 -14.16
CA GLN A 69 24.16 28.60 -13.26
C GLN A 69 25.50 29.16 -13.76
N ASP A 70 25.62 30.48 -14.01
CA ASP A 70 24.56 31.46 -14.31
C ASP A 70 23.43 31.49 -13.27
N LEU A 71 22.23 31.09 -13.69
CA LEU A 71 20.98 31.37 -13.00
C LEU A 71 20.80 30.42 -11.82
N ASP A 72 20.82 30.93 -10.59
CA ASP A 72 20.77 32.35 -10.22
C ASP A 72 20.22 32.38 -8.80
N LEU A 73 20.93 33.05 -7.89
CA LEU A 73 20.56 33.10 -6.47
C LEU A 73 19.46 32.07 -6.23
N ALA A 74 19.84 30.79 -6.35
CA ALA A 74 18.96 29.60 -6.43
C ALA A 74 17.97 29.60 -5.25
N TYR A 75 16.72 29.15 -5.44
CA TYR A 75 16.24 28.12 -6.36
C TYR A 75 17.06 26.82 -6.24
N LEU A 76 17.84 26.73 -5.15
CA LEU A 76 18.76 25.62 -4.91
C LEU A 76 17.94 24.43 -4.43
N ARG A 77 17.69 23.49 -5.35
CA ARG A 77 16.89 22.28 -5.12
C ARG A 77 15.54 22.69 -4.54
N SER A 78 15.50 22.92 -3.22
CA SER A 78 14.26 23.03 -2.39
C SER A 78 13.46 21.72 -2.41
N GLY A 79 13.31 21.16 -3.62
CA GLY A 79 12.40 20.06 -3.91
C GLY A 79 11.67 20.32 -5.21
N ILE A 80 11.33 21.59 -5.44
CA ILE A 80 10.60 22.07 -6.62
C ILE A 80 11.30 21.59 -7.90
N ALA A 81 12.47 22.19 -8.18
CA ALA A 81 13.07 22.16 -9.53
C ALA A 81 14.35 21.31 -9.53
N ASP A 82 14.20 19.98 -9.59
CA ASP A 82 15.31 19.06 -9.44
C ASP A 82 16.13 18.90 -10.74
N LEU A 83 15.70 19.55 -11.85
CA LEU A 83 16.46 19.57 -13.12
C LEU A 83 16.77 21.02 -13.51
N GLY A 84 16.60 21.97 -12.57
CA GLY A 84 16.74 23.39 -12.82
C GLY A 84 18.17 23.84 -13.06
N HIS A 85 19.14 23.02 -12.63
CA HIS A 85 20.55 23.29 -12.88
C HIS A 85 20.95 22.85 -14.30
N LEU A 86 20.02 22.28 -15.06
CA LEU A 86 20.25 21.81 -16.42
C LEU A 86 19.66 22.82 -17.41
N SER A 87 20.40 23.15 -18.47
CA SER A 87 19.90 24.06 -19.52
C SER A 87 18.62 23.43 -20.09
N TYR A 88 17.80 24.23 -20.76
CA TYR A 88 16.47 23.71 -21.12
C TYR A 88 16.58 22.68 -22.25
N PRO A 89 17.36 22.91 -23.34
CA PRO A 89 17.53 21.90 -24.38
C PRO A 89 17.99 20.50 -23.91
N GLU A 90 18.85 20.45 -22.88
CA GLU A 90 19.34 19.17 -22.32
C GLU A 90 18.26 18.51 -21.45
N GLN A 91 17.38 19.31 -20.83
CA GLN A 91 16.19 18.79 -20.13
C GLN A 91 15.34 17.95 -21.11
N LEU A 92 15.09 18.48 -22.31
CA LEU A 92 14.26 17.85 -23.32
C LEU A 92 14.88 16.53 -23.77
N LYS A 93 16.20 16.55 -23.99
CA LYS A 93 16.94 15.39 -24.50
C LYS A 93 16.91 14.27 -23.46
N PHE A 94 17.05 14.66 -22.18
CA PHE A 94 17.00 13.75 -21.01
C PHE A 94 15.64 13.05 -20.94
N LYS A 95 14.57 13.78 -21.22
CA LYS A 95 13.22 13.24 -21.04
C LYS A 95 12.90 12.31 -22.20
N THR A 96 13.44 12.63 -23.37
CA THR A 96 13.30 11.77 -24.52
C THR A 96 14.02 10.44 -24.23
N LYS A 97 15.23 10.54 -23.68
CA LYS A 97 16.09 9.42 -23.34
C LYS A 97 15.39 8.51 -22.31
N GLN A 98 14.73 9.13 -21.32
CA GLN A 98 14.05 8.39 -20.25
C GLN A 98 12.95 7.51 -20.83
N VAL A 99 12.25 8.00 -21.87
CA VAL A 99 11.11 7.27 -22.46
C VAL A 99 11.63 6.07 -23.26
N LYS A 100 12.65 6.27 -24.11
CA LYS A 100 13.29 5.18 -24.87
C LYS A 100 13.78 4.07 -23.91
N ASP A 101 14.39 4.46 -22.78
CA ASP A 101 15.11 3.55 -21.87
C ASP A 101 14.12 2.68 -21.09
N SER A 102 13.02 3.29 -20.65
CA SER A 102 11.96 2.57 -19.96
C SER A 102 11.24 1.62 -20.91
N LEU A 103 10.95 2.10 -22.13
CA LEU A 103 10.32 1.27 -23.15
C LEU A 103 11.14 0.00 -23.36
N TYR A 104 12.47 0.14 -23.40
CA TYR A 104 13.36 -0.99 -23.65
C TYR A 104 13.45 -1.89 -22.40
N LYS A 105 13.79 -1.28 -21.26
CA LYS A 105 14.13 -2.02 -20.04
C LYS A 105 12.91 -2.77 -19.45
N ILE A 106 11.69 -2.30 -19.71
CA ILE A 106 10.46 -2.82 -19.06
C ILE A 106 9.52 -3.47 -20.10
N ALA A 107 9.26 -2.76 -21.21
CA ALA A 107 8.37 -3.24 -22.27
C ALA A 107 9.10 -4.17 -23.23
N GLY A 108 10.43 -4.06 -23.28
CA GLY A 108 11.27 -4.83 -24.22
C GLY A 108 11.27 -4.24 -25.62
N ILE A 109 10.65 -3.08 -25.81
CA ILE A 109 10.45 -2.50 -27.13
C ILE A 109 11.67 -1.63 -27.47
N ALA A 110 12.51 -2.11 -28.38
CA ALA A 110 13.60 -1.30 -28.97
C ALA A 110 13.15 -0.62 -30.26
N ASP A 111 12.19 -1.27 -30.96
CA ASP A 111 11.81 -0.92 -32.32
C ASP A 111 10.53 -0.07 -32.32
N VAL A 112 10.63 1.17 -31.84
CA VAL A 112 9.63 2.22 -32.06
C VAL A 112 10.33 3.57 -32.09
N GLU A 113 9.75 4.50 -32.86
CA GLU A 113 10.25 5.88 -32.95
C GLU A 113 9.65 6.69 -31.79
N VAL A 114 10.53 7.28 -30.97
CA VAL A 114 10.16 8.16 -29.88
C VAL A 114 10.56 9.59 -30.28
N ALA A 115 9.57 10.40 -30.63
CA ALA A 115 9.83 11.76 -31.05
C ALA A 115 10.55 12.51 -29.91
N GLU A 116 11.26 13.58 -30.27
CA GLU A 116 11.96 14.41 -29.29
C GLU A 116 10.89 15.14 -28.47
N THR A 117 11.26 15.54 -27.25
CA THR A 117 10.30 16.08 -26.31
C THR A 117 9.83 17.44 -26.83
N LEU A 118 8.51 17.65 -26.85
CA LEU A 118 7.87 18.91 -27.22
C LEU A 118 7.99 19.85 -26.02
N GLY A 119 8.89 20.83 -26.15
CA GLY A 119 9.22 21.73 -25.08
C GLY A 119 8.28 22.91 -25.02
N MET A 120 8.44 23.68 -23.93
CA MET A 120 7.65 24.85 -23.63
C MET A 120 8.46 26.08 -24.06
N GLU A 121 7.81 27.00 -24.76
CA GLU A 121 8.40 28.23 -25.25
C GLU A 121 9.04 29.01 -24.09
N HIS A 122 8.30 29.17 -22.98
CA HIS A 122 8.79 29.86 -21.76
C HIS A 122 8.67 28.93 -20.56
N PRO A 123 9.68 28.06 -20.30
CA PRO A 123 9.52 26.96 -19.35
C PRO A 123 9.66 27.35 -17.87
N VAL A 124 9.01 28.46 -17.48
CA VAL A 124 9.00 28.93 -16.10
C VAL A 124 7.57 29.35 -15.73
N LYS A 125 7.32 29.49 -14.42
CA LYS A 125 6.12 30.16 -13.87
C LYS A 125 4.84 29.60 -14.50
N TYR A 126 4.74 28.26 -14.57
CA TYR A 126 3.75 27.63 -15.46
C TYR A 126 2.59 26.99 -14.65
N ARG A 127 2.81 26.72 -13.35
CA ARG A 127 1.87 25.93 -12.57
C ARG A 127 0.63 26.73 -12.18
N ASN A 128 -0.55 26.16 -12.43
CA ASN A 128 -1.81 26.81 -12.13
C ASN A 128 -2.31 26.37 -10.75
N LYS A 129 -1.56 25.49 -10.05
CA LYS A 129 -1.97 25.06 -8.72
C LYS A 129 -0.76 25.02 -7.78
N ALA A 130 -0.95 25.50 -6.54
CA ALA A 130 0.04 25.38 -5.44
C ALA A 130 -0.60 24.63 -4.26
N GLN A 131 -0.03 23.50 -3.84
CA GLN A 131 -0.41 22.81 -2.58
C GLN A 131 0.73 22.99 -1.56
N VAL A 132 0.56 23.91 -0.61
CA VAL A 132 1.67 24.39 0.27
C VAL A 132 1.41 23.94 1.70
N PRO A 133 2.33 23.16 2.34
CA PRO A 133 2.22 22.86 3.76
C PRO A 133 2.42 24.10 4.63
N VAL A 134 1.78 24.11 5.79
CA VAL A 134 1.85 25.19 6.72
C VAL A 134 2.44 24.59 8.01
N ARG A 135 3.59 25.10 8.48
CA ARG A 135 4.18 24.53 9.66
C ARG A 135 4.83 25.63 10.51
N ARG A 136 5.15 25.22 11.75
CA ARG A 136 5.88 26.05 12.72
C ARG A 136 7.38 25.77 12.54
N VAL A 137 8.14 26.78 12.11
CA VAL A 137 9.59 26.64 11.94
C VAL A 137 10.33 27.84 12.55
N ASN A 138 11.16 27.54 13.55
CA ASN A 138 11.97 28.53 14.33
C ASN A 138 11.03 29.57 14.95
N GLY A 139 9.98 29.07 15.62
CA GLY A 139 9.03 29.90 16.30
C GLY A 139 7.91 30.41 15.42
N VAL A 140 8.14 30.56 14.11
CA VAL A 140 7.27 31.38 13.24
C VAL A 140 6.48 30.49 12.27
N LEU A 141 5.23 30.88 11.98
CA LEU A 141 4.36 30.17 11.04
C LEU A 141 4.84 30.44 9.61
N GLU A 142 5.15 29.36 8.88
CA GLU A 142 5.83 29.44 7.61
C GLU A 142 5.10 28.62 6.54
N THR A 143 5.12 29.16 5.32
CA THR A 143 4.80 28.41 4.12
C THR A 143 6.10 28.06 3.41
N GLY A 144 6.10 26.89 2.75
CA GLY A 144 7.26 26.37 2.07
C GLY A 144 7.02 24.99 1.51
N PHE A 145 8.12 24.35 1.12
CA PHE A 145 8.15 23.05 0.48
C PHE A 145 9.06 22.14 1.27
N PHE A 146 8.72 20.84 1.33
CA PHE A 146 9.56 19.86 2.03
C PHE A 146 10.82 19.60 1.23
N ARG A 147 11.93 19.42 1.94
CA ARG A 147 13.17 18.95 1.35
C ARG A 147 12.94 17.48 0.95
N LYS A 148 13.54 17.10 -0.17
CA LYS A 148 13.54 15.73 -0.67
C LYS A 148 13.77 14.72 0.46
N ASN A 149 12.96 13.66 0.45
CA ASN A 149 13.08 12.51 1.36
C ASN A 149 12.92 12.94 2.83
N SER A 150 12.24 14.07 3.07
CA SER A 150 12.03 14.57 4.41
C SER A 150 10.66 15.25 4.50
N HIS A 151 10.29 15.59 5.73
CA HIS A 151 9.25 16.58 6.03
C HIS A 151 9.90 17.77 6.75
N ASN A 152 11.08 18.17 6.27
CA ASN A 152 11.73 19.38 6.72
C ASN A 152 11.27 20.52 5.79
N LEU A 153 10.49 21.46 6.34
CA LEU A 153 9.99 22.60 5.59
C LEU A 153 11.12 23.62 5.39
N MET A 154 11.34 24.00 4.13
CA MET A 154 12.16 25.13 3.74
C MET A 154 11.24 26.34 3.51
N PRO A 155 11.29 27.38 4.37
CA PRO A 155 10.54 28.60 4.13
C PRO A 155 10.82 29.12 2.72
N LEU A 156 9.78 29.61 2.03
CA LEU A 156 9.87 30.11 0.66
C LEU A 156 8.79 31.13 0.37
N GLU A 157 9.13 32.17 -0.40
CA GLU A 157 8.16 33.13 -0.96
C GLU A 157 8.05 32.96 -2.48
N ASP A 158 9.20 32.90 -3.17
CA ASP A 158 9.24 32.62 -4.63
C ASP A 158 9.38 31.11 -4.81
N PHE A 159 8.53 30.55 -5.70
CA PHE A 159 8.43 29.11 -5.93
C PHE A 159 8.88 28.75 -7.35
N PHE A 160 9.24 29.75 -8.17
CA PHE A 160 9.99 29.57 -9.43
C PHE A 160 9.08 29.11 -10.58
N ILE A 161 8.41 27.97 -10.40
CA ILE A 161 7.65 27.34 -11.48
C ILE A 161 6.14 27.59 -11.33
N GLN A 162 5.71 28.41 -10.36
CA GLN A 162 4.29 28.71 -10.18
C GLN A 162 3.90 30.03 -10.86
N ASP A 163 2.68 30.08 -11.37
CA ASP A 163 2.02 31.34 -11.72
C ASP A 163 2.30 32.33 -10.58
N PRO A 164 2.98 33.47 -10.87
CA PRO A 164 3.40 34.39 -9.81
C PRO A 164 2.25 34.94 -8.94
N VAL A 165 1.04 35.09 -9.51
CA VAL A 165 -0.15 35.49 -8.74
C VAL A 165 -0.39 34.46 -7.62
N ILE A 166 -0.34 33.17 -7.93
CA ILE A 166 -0.53 32.14 -6.89
C ILE A 166 0.48 32.39 -5.76
N ASP A 167 1.74 32.68 -6.09
CA ASP A 167 2.79 32.99 -5.08
C ASP A 167 2.32 34.06 -4.10
N GLN A 168 1.77 35.17 -4.62
CA GLN A 168 1.35 36.34 -3.84
C GLN A 168 0.16 36.01 -2.92
N VAL A 169 -0.81 35.24 -3.42
CA VAL A 169 -1.96 34.81 -2.62
C VAL A 169 -1.47 33.99 -1.43
N VAL A 170 -0.54 33.05 -1.67
CA VAL A 170 0.01 32.19 -0.61
C VAL A 170 0.70 33.07 0.44
N VAL A 171 1.48 34.08 0.01
CA VAL A 171 2.21 34.97 0.95
C VAL A 171 1.20 35.85 1.72
N ALA A 172 0.15 36.30 1.03
CA ALA A 172 -0.89 37.10 1.69
C ALA A 172 -1.61 36.23 2.73
N LEU A 173 -1.87 34.98 2.38
CA LEU A 173 -2.60 34.09 3.31
C LEU A 173 -1.74 33.84 4.55
N ARG A 174 -0.43 33.66 4.32
CA ARG A 174 0.55 33.40 5.38
C ARG A 174 0.57 34.56 6.37
N ASP A 175 0.57 35.78 5.84
CA ASP A 175 0.62 37.01 6.65
C ASP A 175 -0.69 37.15 7.47
N LEU A 176 -1.82 36.76 6.89
CA LEU A 176 -3.13 36.77 7.56
C LEU A 176 -3.24 35.67 8.62
N LEU A 177 -2.66 34.48 8.40
CA LEU A 177 -2.69 33.42 9.43
C LEU A 177 -1.78 33.79 10.61
N ARG A 178 -0.74 34.58 10.38
CA ARG A 178 0.12 35.05 11.49
C ARG A 178 -0.69 36.08 12.29
N ARG A 179 -1.26 37.07 11.61
CA ARG A 179 -1.99 38.20 12.26
C ARG A 179 -3.24 37.73 13.04
N PHE A 180 -3.94 36.69 12.58
CA PHE A 180 -5.11 36.16 13.29
C PHE A 180 -4.70 35.04 14.23
N ASP A 181 -3.38 34.86 14.42
CA ASP A 181 -2.76 33.80 15.22
C ASP A 181 -3.57 32.50 15.13
N LEU A 182 -3.68 31.96 13.90
CA LEU A 182 -4.21 30.61 13.71
C LEU A 182 -3.04 29.62 13.83
N LYS A 183 -3.36 28.41 14.31
CA LYS A 183 -2.39 27.45 14.86
C LYS A 183 -1.97 26.47 13.76
N PRO A 184 -0.71 26.51 13.27
CA PRO A 184 -0.26 25.56 12.26
C PRO A 184 -0.19 24.11 12.76
N TYR A 185 -0.32 23.17 11.84
CA TYR A 185 -0.33 21.73 12.13
C TYR A 185 1.07 21.29 12.63
N ASP A 186 1.10 20.31 13.53
CA ASP A 186 2.33 19.65 13.99
C ASP A 186 2.11 18.13 13.93
N GLU A 187 2.94 17.44 13.14
CA GLU A 187 2.69 16.06 12.76
C GLU A 187 2.96 15.16 13.97
N LYS A 188 4.08 15.41 14.65
CA LYS A 188 4.54 14.56 15.78
C LYS A 188 3.55 14.68 16.94
N GLU A 189 3.39 15.89 17.47
CA GLU A 189 2.48 16.19 18.59
C GLU A 189 1.01 15.93 18.22
N GLN A 190 0.73 15.82 16.93
CA GLN A 190 -0.65 15.71 16.42
C GLN A 190 -1.51 16.81 17.05
N SER A 191 -1.19 18.06 16.70
CA SER A 191 -1.84 19.25 17.24
C SER A 191 -1.89 20.33 16.16
N GLY A 192 -2.70 21.36 16.45
CA GLY A 192 -2.84 22.52 15.60
C GLY A 192 -3.99 22.39 14.63
N LEU A 193 -4.14 23.45 13.82
CA LEU A 193 -5.32 23.74 13.05
C LEU A 193 -5.02 23.69 11.54
N ILE A 194 -4.10 24.55 11.07
CA ILE A 194 -3.84 24.78 9.63
C ILE A 194 -2.79 23.79 9.09
N ARG A 195 -3.23 22.89 8.21
CA ARG A 195 -2.40 21.86 7.65
C ARG A 195 -1.75 22.34 6.35
N ASN A 196 -2.56 22.89 5.44
CA ASN A 196 -2.13 23.24 4.06
C ASN A 196 -2.95 24.40 3.52
N LEU A 197 -2.36 25.13 2.59
CA LEU A 197 -3.05 26.07 1.72
C LEU A 197 -3.02 25.52 0.30
N VAL A 198 -4.17 25.47 -0.36
CA VAL A 198 -4.22 25.12 -1.76
C VAL A 198 -4.77 26.32 -2.53
N VAL A 199 -4.08 26.71 -3.58
CA VAL A 199 -4.51 27.84 -4.39
C VAL A 199 -4.45 27.39 -5.86
N ARG A 200 -5.60 27.43 -6.53
CA ARG A 200 -5.65 27.14 -8.00
C ARG A 200 -6.08 28.43 -8.72
N ARG A 201 -5.51 28.67 -9.89
CA ARG A 201 -5.86 29.83 -10.66
C ARG A 201 -6.03 29.45 -12.13
N GLY A 202 -7.19 29.81 -12.70
CA GLY A 202 -7.41 29.62 -14.15
C GLY A 202 -6.33 30.29 -14.96
N HIS A 203 -5.71 29.56 -15.89
CA HIS A 203 -4.67 30.09 -16.75
C HIS A 203 -5.22 31.19 -17.67
N TYR A 204 -6.39 30.96 -18.27
CA TYR A 204 -6.99 31.90 -19.21
C TYR A 204 -7.94 32.85 -18.48
N SER A 205 -8.70 32.34 -17.51
CA SER A 205 -9.77 33.13 -16.84
C SER A 205 -9.23 34.01 -15.70
N GLY A 206 -8.12 33.60 -15.06
CA GLY A 206 -7.57 34.32 -13.92
C GLY A 206 -8.39 34.14 -12.65
N GLN A 207 -9.36 33.22 -12.64
CA GLN A 207 -10.21 33.01 -11.44
C GLN A 207 -9.47 32.13 -10.45
N ILE A 208 -9.50 32.52 -9.17
CA ILE A 208 -8.75 31.88 -8.12
C ILE A 208 -9.72 31.19 -7.15
N MET A 209 -9.41 29.92 -6.84
CA MET A 209 -9.94 29.22 -5.68
C MET A 209 -8.85 29.14 -4.62
N VAL A 210 -9.18 29.49 -3.36
CA VAL A 210 -8.36 29.21 -2.19
C VAL A 210 -9.01 28.07 -1.41
N VAL A 211 -8.21 27.11 -0.92
CA VAL A 211 -8.69 26.07 0.01
C VAL A 211 -7.87 26.16 1.33
N LEU A 212 -8.58 26.25 2.47
CA LEU A 212 -7.98 26.08 3.77
C LEU A 212 -8.12 24.62 4.21
N VAL A 213 -6.99 23.91 4.30
CA VAL A 213 -7.02 22.55 4.79
C VAL A 213 -6.70 22.59 6.28
N THR A 214 -7.65 22.09 7.08
CA THR A 214 -7.63 22.27 8.52
C THR A 214 -7.97 20.95 9.20
N THR A 215 -7.63 20.83 10.48
CA THR A 215 -7.80 19.61 11.27
C THR A 215 -9.21 19.57 11.89
N ARG A 216 -9.94 20.69 11.89
CA ARG A 216 -11.24 20.76 12.58
C ARG A 216 -12.19 21.74 11.86
N PRO A 217 -13.51 21.56 12.00
CA PRO A 217 -14.48 22.47 11.37
C PRO A 217 -14.28 23.98 11.64
N LYS A 218 -13.96 24.32 12.90
CA LYS A 218 -14.14 25.69 13.42
C LYS A 218 -12.84 26.50 13.29
N VAL A 219 -12.92 27.61 12.57
CA VAL A 219 -11.82 28.49 12.38
C VAL A 219 -12.26 29.89 12.78
N PHE A 220 -11.70 30.37 13.89
CA PHE A 220 -12.06 31.61 14.53
C PHE A 220 -11.66 32.79 13.63
N ARG A 221 -12.67 33.57 13.25
CA ARG A 221 -12.55 34.86 12.52
C ARG A 221 -12.32 34.61 11.03
N VAL A 222 -12.73 33.42 10.56
CA VAL A 222 -12.54 32.96 9.19
C VAL A 222 -13.11 33.97 8.20
N ASP A 223 -14.27 34.56 8.54
CA ASP A 223 -14.97 35.49 7.66
C ASP A 223 -14.17 36.79 7.55
N GLN A 224 -13.51 37.21 8.62
CA GLN A 224 -12.72 38.45 8.61
C GLN A 224 -11.45 38.24 7.79
N LEU A 225 -10.91 37.01 7.82
CA LEU A 225 -9.71 36.62 7.11
C LEU A 225 -10.01 36.47 5.61
N ILE A 226 -11.23 36.02 5.28
CA ILE A 226 -11.69 35.91 3.89
C ILE A 226 -11.82 37.31 3.29
N GLU A 227 -12.46 38.22 4.04
CA GLU A 227 -12.75 39.63 3.66
C GLU A 227 -11.45 40.39 3.32
N GLN A 228 -10.39 40.13 4.09
CA GLN A 228 -9.10 40.76 3.86
C GLN A 228 -8.53 40.24 2.54
N VAL A 229 -8.47 38.91 2.38
CA VAL A 229 -7.80 38.33 1.19
C VAL A 229 -8.57 38.68 -0.09
N ILE A 230 -9.92 38.69 -0.03
CA ILE A 230 -10.77 38.99 -1.19
C ILE A 230 -10.59 40.46 -1.63
N LYS A 231 -10.24 41.34 -0.68
CA LYS A 231 -9.91 42.75 -0.94
C LYS A 231 -8.62 42.84 -1.77
N GLN A 232 -7.59 42.06 -1.39
CA GLN A 232 -6.27 42.11 -2.06
C GLN A 232 -6.34 41.45 -3.44
N PHE A 233 -7.15 40.40 -3.58
CA PHE A 233 -7.23 39.59 -4.79
C PHE A 233 -8.68 39.43 -5.18
N PRO A 234 -9.27 40.44 -5.86
CA PRO A 234 -10.66 40.37 -6.30
C PRO A 234 -10.94 39.31 -7.38
N GLU A 235 -9.89 38.66 -7.89
CA GLU A 235 -10.04 37.52 -8.78
C GLU A 235 -10.39 36.24 -8.00
N ILE A 236 -10.31 36.26 -6.67
CA ILE A 236 -10.80 35.12 -5.87
C ILE A 236 -12.33 35.04 -5.98
N VAL A 237 -12.84 33.94 -6.55
CA VAL A 237 -14.29 33.65 -6.64
C VAL A 237 -14.68 32.48 -5.72
N SER A 238 -13.71 31.76 -5.13
CA SER A 238 -14.02 30.63 -4.26
C SER A 238 -13.00 30.52 -3.12
N VAL A 239 -13.49 30.45 -1.89
CA VAL A 239 -12.74 30.03 -0.76
C VAL A 239 -13.48 28.83 -0.17
N MET A 240 -12.74 27.73 0.02
CA MET A 240 -13.24 26.43 0.42
C MET A 240 -12.46 26.00 1.67
N GLN A 241 -13.06 25.11 2.44
CA GLN A 241 -12.44 24.44 3.57
C GLN A 241 -12.39 22.94 3.28
N ASN A 242 -11.23 22.33 3.46
CA ASN A 242 -11.10 20.89 3.54
C ASN A 242 -10.76 20.52 4.98
N ILE A 243 -11.43 19.50 5.50
CA ILE A 243 -11.21 19.01 6.85
C ILE A 243 -10.51 17.67 6.75
N ASN A 244 -9.27 17.63 7.25
CA ASN A 244 -8.47 16.45 7.32
C ASN A 244 -8.05 16.27 8.78
N ASP A 245 -8.67 15.30 9.45
CA ASP A 245 -8.55 15.09 10.89
C ASP A 245 -7.57 13.94 11.18
N GLN A 246 -7.06 13.27 10.13
CA GLN A 246 -6.33 11.99 10.24
C GLN A 246 -4.82 12.21 10.23
N ASN A 247 -4.11 11.25 10.81
CA ASN A 247 -2.65 11.10 10.67
C ASN A 247 -2.37 10.39 9.35
N THR A 248 -2.14 11.18 8.29
CA THR A 248 -1.99 10.69 6.92
C THR A 248 -1.22 11.74 6.12
N ASN A 249 -0.56 11.30 5.04
CA ASN A 249 0.17 12.19 4.17
C ASN A 249 -0.72 12.71 3.04
N ALA A 250 -1.91 12.11 2.85
CA ALA A 250 -2.87 12.72 1.94
C ALA A 250 -3.17 14.14 2.44
N ILE A 251 -3.15 15.12 1.52
CA ILE A 251 -3.43 16.52 1.78
C ILE A 251 -4.93 16.71 2.11
N PHE A 252 -5.80 16.15 1.27
CA PHE A 252 -7.23 16.33 1.43
C PHE A 252 -7.82 15.20 2.28
N GLY A 253 -8.80 15.57 3.13
CA GLY A 253 -9.73 14.65 3.76
C GLY A 253 -11.08 14.63 3.05
N LYS A 254 -12.05 13.92 3.66
CA LYS A 254 -13.35 13.57 3.07
C LYS A 254 -14.26 14.80 2.98
N GLU A 255 -14.29 15.65 4.02
CA GLU A 255 -15.31 16.71 4.09
C GLU A 255 -14.83 18.02 3.45
N TRP A 256 -15.68 18.59 2.59
CA TRP A 256 -15.52 19.92 1.95
C TRP A 256 -16.63 20.88 2.39
N ARG A 257 -16.29 22.15 2.64
CA ARG A 257 -17.30 23.19 2.84
C ARG A 257 -16.92 24.45 2.06
N THR A 258 -17.93 25.18 1.61
CA THR A 258 -17.78 26.47 0.96
C THR A 258 -17.87 27.58 2.02
N LEU A 259 -16.74 28.26 2.27
CA LEU A 259 -16.71 29.43 3.16
C LEU A 259 -17.11 30.70 2.40
N TYR A 260 -16.89 30.76 1.07
CA TYR A 260 -17.17 32.00 0.29
C TYR A 260 -17.28 31.73 -1.21
N GLY A 261 -18.26 32.38 -1.85
CA GLY A 261 -18.44 32.37 -3.30
C GLY A 261 -18.93 31.01 -3.83
N GLN A 262 -18.31 30.58 -4.94
CA GLN A 262 -18.62 29.32 -5.61
C GLN A 262 -17.72 28.21 -5.03
N ASP A 263 -18.07 26.96 -5.34
CA ASP A 263 -17.27 25.79 -5.02
C ASP A 263 -16.60 25.27 -6.30
N TYR A 264 -16.35 26.16 -7.27
CA TYR A 264 -15.60 25.85 -8.49
C TYR A 264 -15.02 27.16 -9.04
N ILE A 265 -14.02 27.06 -9.92
CA ILE A 265 -13.63 28.15 -10.84
C ILE A 265 -13.92 27.68 -12.26
N THR A 266 -14.01 28.63 -13.20
CA THR A 266 -14.03 28.34 -14.62
C THR A 266 -12.66 28.63 -15.25
N ASP A 267 -12.23 27.76 -16.15
CA ASP A 267 -11.09 28.02 -17.05
C ASP A 267 -11.50 27.54 -18.44
N GLN A 268 -10.69 27.87 -19.44
CA GLN A 268 -10.86 27.41 -20.80
C GLN A 268 -9.69 26.49 -21.18
N MET A 269 -10.01 25.36 -21.83
CA MET A 269 -9.07 24.53 -22.57
C MET A 269 -9.65 24.28 -23.97
N LEU A 270 -8.88 24.61 -25.01
CA LEU A 270 -9.25 24.36 -26.42
C LEU A 270 -10.56 25.07 -26.77
N GLY A 271 -10.77 26.27 -26.21
CA GLY A 271 -11.96 27.10 -26.47
C GLY A 271 -13.26 26.58 -25.85
N ASN A 272 -13.20 25.54 -25.02
CA ASN A 272 -14.34 25.06 -24.21
C ASN A 272 -14.20 25.55 -22.75
N ASP A 273 -15.32 25.93 -22.12
CA ASP A 273 -15.35 26.38 -20.71
C ASP A 273 -15.51 25.16 -19.79
N PHE A 274 -14.69 25.09 -18.74
CA PHE A 274 -14.73 24.01 -17.75
C PHE A 274 -14.79 24.58 -16.35
N GLN A 275 -15.78 24.09 -15.58
CA GLN A 275 -15.86 24.32 -14.18
C GLN A 275 -15.01 23.25 -13.47
N ILE A 276 -14.27 23.70 -12.45
CA ILE A 276 -13.31 22.91 -11.77
C ILE A 276 -13.52 23.09 -10.26
N ALA A 277 -13.87 21.98 -9.59
CA ALA A 277 -14.01 21.89 -8.15
C ALA A 277 -12.63 21.60 -7.52
N GLY A 278 -12.51 21.97 -6.24
CA GLY A 278 -11.29 21.90 -5.47
C GLY A 278 -10.61 20.53 -5.56
N PRO A 279 -11.34 19.44 -5.27
CA PRO A 279 -10.76 18.10 -5.33
C PRO A 279 -10.79 17.41 -6.70
N ALA A 280 -11.17 18.11 -7.76
CA ALA A 280 -11.08 17.53 -9.12
C ALA A 280 -9.67 17.77 -9.69
N PHE A 281 -9.11 16.76 -10.36
CA PHE A 281 -7.87 16.94 -11.07
C PHE A 281 -8.08 17.92 -12.23
N TYR A 282 -7.05 18.75 -12.46
CA TYR A 282 -6.96 19.63 -13.62
C TYR A 282 -5.48 19.74 -14.00
N GLN A 283 -5.12 19.61 -15.28
CA GLN A 283 -3.67 19.58 -15.61
C GLN A 283 -3.05 20.90 -15.11
N VAL A 284 -1.87 20.79 -14.50
CA VAL A 284 -1.30 21.93 -13.74
C VAL A 284 -0.59 22.89 -14.69
N ASN A 285 -0.38 22.48 -15.94
CA ASN A 285 0.24 23.30 -16.98
C ASN A 285 -0.72 23.34 -18.18
N THR A 286 -1.52 24.39 -18.25
CA THR A 286 -2.64 24.43 -19.19
C THR A 286 -2.14 24.56 -20.64
N GLU A 287 -1.21 25.50 -20.85
CA GLU A 287 -0.58 25.79 -22.15
C GLU A 287 -0.06 24.50 -22.83
N MET A 288 0.59 23.63 -22.07
CA MET A 288 1.16 22.38 -22.59
C MET A 288 0.13 21.25 -22.62
N ALA A 289 -0.81 21.25 -21.68
CA ALA A 289 -1.92 20.29 -21.70
C ALA A 289 -2.69 20.41 -23.01
N GLU A 290 -2.85 21.64 -23.52
CA GLU A 290 -3.55 21.92 -24.78
C GLU A 290 -2.80 21.26 -25.96
N LYS A 291 -1.46 21.26 -25.95
CA LYS A 291 -0.68 20.59 -26.99
C LYS A 291 -0.69 19.07 -26.78
N LEU A 292 -0.66 18.59 -25.54
CA LEU A 292 -0.73 17.17 -25.23
C LEU A 292 -2.07 16.59 -25.71
N TYR A 293 -3.17 17.31 -25.43
CA TYR A 293 -4.53 16.89 -25.83
C TYR A 293 -4.64 16.85 -27.36
N GLN A 294 -4.20 17.93 -28.02
CA GLN A 294 -4.18 18.06 -29.47
C GLN A 294 -3.40 16.89 -30.10
N THR A 295 -2.21 16.60 -29.53
CA THR A 295 -1.38 15.47 -29.92
C THR A 295 -2.19 14.16 -29.87
N ALA A 296 -2.92 13.94 -28.76
CA ALA A 296 -3.70 12.71 -28.60
C ALA A 296 -4.78 12.60 -29.70
N ILE A 297 -5.39 13.74 -30.05
CA ILE A 297 -6.44 13.83 -31.05
C ILE A 297 -5.88 13.46 -32.43
N ASP A 298 -4.69 13.97 -32.74
CA ASP A 298 -4.08 13.75 -34.06
C ASP A 298 -3.63 12.28 -34.20
N PHE A 299 -3.17 11.68 -33.10
CA PHE A 299 -2.74 10.27 -33.10
C PHE A 299 -3.95 9.36 -33.38
N ALA A 300 -5.11 9.72 -32.81
CA ALA A 300 -6.31 8.90 -32.79
C ALA A 300 -7.08 8.97 -34.13
N GLU A 301 -6.80 9.97 -34.98
CA GLU A 301 -7.37 10.06 -36.35
C GLU A 301 -8.89 9.93 -36.28
N LEU A 302 -9.56 10.80 -35.52
CA LEU A 302 -10.98 10.62 -35.28
C LEU A 302 -11.75 10.87 -36.58
N LYS A 303 -12.90 10.19 -36.74
CA LYS A 303 -13.90 10.48 -37.80
C LYS A 303 -15.28 10.65 -37.17
N LYS A 304 -16.19 11.20 -37.95
CA LYS A 304 -17.55 11.65 -37.52
C LYS A 304 -18.35 10.47 -36.94
N ASP A 305 -17.94 9.24 -37.25
CA ASP A 305 -18.68 8.03 -36.87
C ASP A 305 -18.00 7.29 -35.70
N ASP A 306 -16.94 7.85 -35.14
CA ASP A 306 -16.20 7.17 -34.08
C ASP A 306 -17.01 7.21 -32.77
N VAL A 307 -16.79 6.21 -31.93
CA VAL A 307 -17.36 6.14 -30.60
C VAL A 307 -16.23 5.93 -29.59
N ILE A 308 -15.95 7.01 -28.84
CA ILE A 308 -14.82 7.10 -27.95
C ILE A 308 -15.29 6.71 -26.54
N ILE A 309 -14.49 5.91 -25.85
CA ILE A 309 -14.60 5.79 -24.42
C ILE A 309 -13.45 6.60 -23.78
N ASP A 310 -13.82 7.45 -22.82
CA ASP A 310 -12.93 8.37 -22.09
C ASP A 310 -12.81 7.82 -20.67
N ALA A 311 -11.86 6.91 -20.47
CA ALA A 311 -11.63 6.32 -19.16
C ALA A 311 -10.81 7.31 -18.31
N TYR A 312 -11.13 7.41 -17.01
CA TYR A 312 -10.40 8.33 -16.07
C TYR A 312 -10.57 9.78 -16.54
N SER A 313 -11.84 10.19 -16.72
CA SER A 313 -12.19 11.37 -17.53
C SER A 313 -12.01 12.68 -16.75
N GLY A 314 -12.06 12.58 -15.43
CA GLY A 314 -11.97 13.74 -14.55
C GLY A 314 -13.19 14.64 -14.69
N ILE A 315 -12.95 15.89 -15.09
CA ILE A 315 -13.98 16.87 -15.35
C ILE A 315 -14.30 16.84 -16.86
N GLY A 316 -13.74 15.87 -17.58
CA GLY A 316 -14.12 15.58 -18.98
C GLY A 316 -13.46 16.52 -19.97
N THR A 317 -12.18 16.87 -19.73
CA THR A 317 -11.48 17.84 -20.59
C THR A 317 -11.13 17.20 -21.94
N ILE A 318 -10.83 15.90 -21.93
CA ILE A 318 -10.48 15.16 -23.16
C ILE A 318 -11.79 14.85 -23.91
N GLY A 319 -12.60 13.95 -23.36
CA GLY A 319 -13.96 13.73 -23.81
C GLY A 319 -14.53 14.92 -24.55
N LEU A 320 -14.76 16.04 -23.86
CA LEU A 320 -15.62 17.11 -24.40
C LEU A 320 -14.89 17.94 -25.45
N SER A 321 -13.56 17.80 -25.54
CA SER A 321 -12.74 18.51 -26.52
C SER A 321 -12.63 17.71 -27.84
N VAL A 322 -13.13 16.47 -27.85
CA VAL A 322 -13.24 15.64 -29.06
C VAL A 322 -14.70 15.48 -29.49
N ALA A 323 -15.64 15.94 -28.66
CA ALA A 323 -17.04 15.56 -28.79
C ALA A 323 -17.67 16.14 -30.07
N LYS A 324 -17.12 17.27 -30.55
CA LYS A 324 -17.66 17.96 -31.74
C LYS A 324 -17.41 17.16 -33.02
N HIS A 325 -16.30 16.41 -33.10
CA HIS A 325 -15.92 15.76 -34.36
C HIS A 325 -16.08 14.22 -34.31
N VAL A 326 -16.99 13.71 -33.47
CA VAL A 326 -17.24 12.26 -33.36
C VAL A 326 -18.73 12.01 -33.11
N LYS A 327 -19.13 10.73 -33.13
CA LYS A 327 -20.52 10.32 -32.96
C LYS A 327 -20.93 10.41 -31.47
N GLU A 328 -20.25 9.69 -30.58
CA GLU A 328 -20.61 9.66 -29.15
C GLU A 328 -19.34 9.58 -28.29
N VAL A 329 -19.45 10.14 -27.09
CA VAL A 329 -18.41 10.05 -26.05
C VAL A 329 -19.02 9.40 -24.82
N TYR A 330 -18.33 8.39 -24.29
CA TYR A 330 -18.72 7.68 -23.07
C TYR A 330 -17.59 7.78 -22.05
N GLY A 331 -17.83 8.41 -20.89
CA GLY A 331 -16.77 8.67 -19.89
C GLY A 331 -17.05 8.05 -18.52
N VAL A 332 -16.00 7.56 -17.86
CA VAL A 332 -16.06 7.01 -16.49
C VAL A 332 -15.16 7.87 -15.60
N GLU A 333 -15.60 8.13 -14.36
CA GLU A 333 -14.83 8.92 -13.37
C GLU A 333 -14.91 8.21 -12.01
N LEU A 334 -13.98 8.55 -11.10
CA LEU A 334 -13.94 8.00 -9.73
C LEU A 334 -14.77 8.86 -8.75
N ILE A 335 -14.45 10.17 -8.68
CA ILE A 335 -15.01 11.06 -7.64
C ILE A 335 -16.17 11.88 -8.21
N PRO A 336 -17.37 11.79 -7.58
CA PRO A 336 -18.56 12.53 -7.98
C PRO A 336 -18.43 14.03 -8.34
N GLU A 337 -17.81 14.81 -7.45
CA GLU A 337 -17.66 16.26 -7.65
C GLU A 337 -17.10 16.58 -9.06
N ALA A 338 -16.30 15.65 -9.60
CA ALA A 338 -15.68 15.75 -10.93
C ALA A 338 -16.62 15.25 -12.03
N VAL A 339 -17.36 14.15 -11.75
CA VAL A 339 -18.38 13.68 -12.71
C VAL A 339 -19.47 14.74 -12.87
N GLU A 340 -19.87 15.37 -11.76
CA GLU A 340 -20.93 16.38 -11.78
C GLU A 340 -20.42 17.65 -12.45
N ASN A 341 -19.12 17.93 -12.32
CA ASN A 341 -18.46 18.86 -13.24
C ASN A 341 -18.65 18.37 -14.68
N SER A 342 -18.41 17.08 -14.94
CA SER A 342 -18.43 16.51 -16.30
C SER A 342 -19.77 16.80 -16.99
N GLN A 343 -20.86 16.36 -16.36
CA GLN A 343 -22.23 16.46 -16.87
C GLN A 343 -22.62 17.93 -17.06
N LYS A 344 -22.13 18.78 -16.14
CA LYS A 344 -22.42 20.20 -16.17
C LYS A 344 -21.55 20.88 -17.23
N ASN A 345 -20.33 20.34 -17.43
CA ASN A 345 -19.38 20.87 -18.40
C ASN A 345 -19.87 20.54 -19.82
N ALA A 346 -20.42 19.33 -19.99
CA ALA A 346 -21.16 18.96 -21.24
C ALA A 346 -22.26 19.99 -21.52
N SER A 347 -23.16 20.14 -20.55
CA SER A 347 -24.28 21.09 -20.63
C SER A 347 -23.80 22.50 -20.99
N LEU A 348 -22.74 22.96 -20.32
CA LEU A 348 -22.23 24.35 -20.41
C LEU A 348 -21.78 24.64 -21.85
N ASN A 349 -21.19 23.66 -22.53
CA ASN A 349 -20.66 23.86 -23.89
C ASN A 349 -21.63 23.32 -24.95
N LYS A 350 -22.88 23.04 -24.53
CA LYS A 350 -23.94 22.57 -25.41
C LYS A 350 -23.46 21.31 -26.16
N ILE A 351 -23.12 20.24 -25.42
CA ILE A 351 -22.65 19.00 -25.99
C ILE A 351 -23.62 17.91 -25.55
N THR A 352 -24.30 17.30 -26.53
CA THR A 352 -25.41 16.38 -26.28
C THR A 352 -24.92 14.93 -26.40
N ASN A 353 -23.76 14.74 -27.04
CA ASN A 353 -23.27 13.42 -27.45
C ASN A 353 -22.13 12.95 -26.53
N ALA A 354 -22.14 13.32 -25.24
CA ALA A 354 -21.14 12.88 -24.27
C ALA A 354 -21.83 12.35 -23.01
N HIS A 355 -21.56 11.10 -22.65
CA HIS A 355 -22.28 10.37 -21.61
C HIS A 355 -21.33 9.92 -20.49
N TYR A 356 -21.48 10.53 -19.30
CA TYR A 356 -20.61 10.31 -18.14
C TYR A 356 -21.37 9.53 -17.06
N VAL A 357 -20.60 8.76 -16.27
CA VAL A 357 -21.08 7.92 -15.18
C VAL A 357 -20.09 8.06 -14.02
N CYS A 358 -20.53 7.77 -12.80
CA CYS A 358 -19.58 7.55 -11.69
C CYS A 358 -19.34 6.04 -11.58
N ASP A 359 -18.07 5.67 -11.38
CA ASP A 359 -17.69 4.28 -11.24
C ASP A 359 -16.15 4.15 -11.24
N THR A 360 -15.70 2.90 -11.11
CA THR A 360 -14.38 2.47 -11.54
C THR A 360 -14.45 2.15 -13.03
N ALA A 361 -13.33 2.36 -13.73
CA ALA A 361 -13.25 2.23 -15.19
C ALA A 361 -13.67 0.82 -15.63
N GLU A 362 -13.41 -0.19 -14.79
CA GLU A 362 -13.63 -1.60 -15.14
C GLU A 362 -15.12 -1.92 -15.28
N ASN A 363 -15.92 -1.42 -14.32
CA ASN A 363 -17.33 -1.81 -14.17
C ASN A 363 -18.19 -1.18 -15.27
N ALA A 364 -17.96 0.12 -15.54
CA ALA A 364 -18.64 0.86 -16.61
C ALA A 364 -18.39 0.19 -17.98
N MET A 365 -17.21 -0.43 -18.12
CA MET A 365 -16.89 -1.21 -19.31
C MET A 365 -17.74 -2.49 -19.31
N LYS A 366 -17.77 -3.18 -18.17
CA LYS A 366 -18.62 -4.37 -17.96
C LYS A 366 -20.08 -4.03 -18.29
N LYS A 367 -20.59 -2.91 -17.74
CA LYS A 367 -21.96 -2.43 -18.00
C LYS A 367 -22.14 -2.08 -19.49
N TRP A 368 -21.14 -1.42 -20.10
CA TRP A 368 -21.21 -0.99 -21.51
C TRP A 368 -21.11 -2.17 -22.48
N LEU A 369 -20.35 -3.21 -22.10
CA LEU A 369 -20.25 -4.47 -22.85
C LEU A 369 -21.64 -5.13 -22.95
N LYS A 370 -22.32 -5.24 -21.80
CA LYS A 370 -23.64 -5.86 -21.69
C LYS A 370 -24.71 -4.99 -22.38
N GLU A 371 -24.52 -3.66 -22.31
CA GLU A 371 -25.48 -2.66 -22.86
C GLU A 371 -25.47 -2.66 -24.40
N GLY A 372 -24.35 -3.10 -25.01
CA GLY A 372 -24.23 -3.24 -26.46
C GLY A 372 -23.52 -2.07 -27.13
N ILE A 373 -22.89 -1.21 -26.33
CA ILE A 373 -22.13 -0.06 -26.85
C ILE A 373 -20.79 -0.58 -27.39
N GLN A 374 -20.49 -0.29 -28.68
CA GLN A 374 -19.29 -0.78 -29.38
C GLN A 374 -18.34 0.37 -29.72
N PRO A 375 -17.34 0.66 -28.86
CA PRO A 375 -16.44 1.78 -29.10
C PRO A 375 -15.39 1.48 -30.18
N THR A 376 -15.00 2.51 -30.92
CA THR A 376 -13.93 2.45 -31.91
C THR A 376 -12.59 2.84 -31.27
N VAL A 377 -12.60 3.79 -30.33
CA VAL A 377 -11.35 4.31 -29.72
C VAL A 377 -11.43 4.22 -28.20
N ILE A 378 -10.27 4.09 -27.56
CA ILE A 378 -10.16 4.26 -26.12
C ILE A 378 -9.11 5.34 -25.82
N LEU A 379 -9.55 6.38 -25.09
CA LEU A 379 -8.66 7.37 -24.50
C LEU A 379 -8.61 7.14 -22.99
N VAL A 380 -7.40 6.94 -22.45
CA VAL A 380 -7.15 6.76 -21.02
C VAL A 380 -6.06 7.73 -20.59
N ASP A 381 -6.25 8.29 -19.40
CA ASP A 381 -5.31 9.18 -18.77
C ASP A 381 -5.23 8.83 -17.30
N PRO A 382 -4.50 7.76 -16.90
CA PRO A 382 -4.54 7.28 -15.54
C PRO A 382 -3.63 8.12 -14.67
N PRO A 383 -3.70 8.01 -13.32
CA PRO A 383 -2.73 8.65 -12.44
C PRO A 383 -1.38 7.90 -12.52
N ARG A 384 -0.40 8.30 -11.69
CA ARG A 384 0.96 7.80 -11.71
C ARG A 384 1.01 6.27 -11.67
N LYS A 385 0.09 5.64 -10.93
CA LYS A 385 0.18 4.18 -10.73
C LYS A 385 -0.21 3.38 -11.98
N GLY A 386 -0.71 4.05 -13.03
CA GLY A 386 -1.07 3.39 -14.30
C GLY A 386 -2.44 2.71 -14.28
N LEU A 387 -2.60 1.69 -15.13
CA LEU A 387 -3.83 0.89 -15.27
C LEU A 387 -3.71 -0.44 -14.51
N THR A 388 -4.85 -1.01 -14.12
CA THR A 388 -4.91 -2.37 -13.57
C THR A 388 -5.03 -3.38 -14.72
N GLU A 389 -4.54 -4.60 -14.49
CA GLU A 389 -4.68 -5.70 -15.44
C GLU A 389 -6.13 -5.82 -15.91
N SER A 390 -7.05 -5.84 -14.93
CA SER A 390 -8.47 -5.99 -15.15
C SER A 390 -9.00 -4.94 -16.15
N PHE A 391 -8.47 -3.71 -16.08
CA PHE A 391 -8.91 -2.67 -17.02
C PHE A 391 -8.33 -2.93 -18.42
N ILE A 392 -7.05 -3.33 -18.47
CA ILE A 392 -6.37 -3.55 -19.74
C ILE A 392 -7.12 -4.62 -20.53
N LYS A 393 -7.41 -5.77 -19.89
CA LYS A 393 -8.10 -6.93 -20.49
C LYS A 393 -9.53 -6.58 -20.92
N ALA A 394 -10.27 -5.87 -20.06
CA ALA A 394 -11.63 -5.46 -20.38
C ALA A 394 -11.63 -4.50 -21.58
N SER A 395 -10.60 -3.65 -21.68
CA SER A 395 -10.45 -2.62 -22.75
C SER A 395 -10.15 -3.25 -24.11
N ALA A 396 -9.42 -4.36 -24.09
CA ALA A 396 -8.97 -5.08 -25.28
C ALA A 396 -10.11 -5.93 -25.87
N GLN A 397 -11.12 -6.23 -25.04
CA GLN A 397 -12.25 -7.07 -25.42
C GLN A 397 -13.36 -6.27 -26.12
N THR A 398 -13.22 -4.94 -26.22
CA THR A 398 -14.27 -4.11 -26.81
C THR A 398 -14.14 -4.11 -28.34
N GLY A 399 -12.96 -4.50 -28.84
CA GLY A 399 -12.68 -4.52 -30.26
C GLY A 399 -12.16 -3.17 -30.78
N ALA A 400 -12.18 -2.14 -29.93
CA ALA A 400 -11.61 -0.85 -30.26
C ALA A 400 -10.26 -1.08 -30.95
N ASP A 401 -10.09 -0.45 -32.11
CA ASP A 401 -8.92 -0.72 -32.92
C ASP A 401 -7.77 0.20 -32.50
N ARG A 402 -8.10 1.38 -31.93
CA ARG A 402 -7.10 2.36 -31.48
C ARG A 402 -7.20 2.57 -29.97
N ILE A 403 -6.06 2.80 -29.33
CA ILE A 403 -5.96 3.24 -27.93
C ILE A 403 -4.90 4.34 -27.83
N ALA A 404 -5.30 5.50 -27.32
CA ALA A 404 -4.38 6.55 -27.02
C ALA A 404 -4.21 6.60 -25.49
N TYR A 405 -2.99 6.30 -25.05
CA TYR A 405 -2.63 6.24 -23.64
C TYR A 405 -1.80 7.45 -23.29
N ILE A 406 -2.37 8.37 -22.51
CA ILE A 406 -1.68 9.53 -21.98
C ILE A 406 -1.18 9.18 -20.59
N SER A 407 0.10 9.47 -20.31
CA SER A 407 0.77 9.00 -19.09
C SER A 407 1.60 10.13 -18.44
N CYS A 408 1.57 10.20 -17.11
CA CYS A 408 2.52 11.04 -16.39
C CYS A 408 3.59 10.18 -15.70
N ASN A 409 3.76 8.92 -16.11
CA ASN A 409 4.79 8.05 -15.53
C ASN A 409 5.15 6.90 -16.48
N VAL A 410 6.30 7.03 -17.16
CA VAL A 410 6.72 6.08 -18.20
C VAL A 410 6.89 4.67 -17.62
N ALA A 411 7.28 4.54 -16.36
CA ALA A 411 7.50 3.23 -15.74
C ALA A 411 6.23 2.37 -15.87
N THR A 412 5.11 2.89 -15.38
CA THR A 412 3.83 2.16 -15.39
C THR A 412 3.26 2.04 -16.81
N MET A 413 3.39 3.11 -17.61
CA MET A 413 2.94 3.16 -19.01
C MET A 413 3.51 1.96 -19.77
N ALA A 414 4.83 1.78 -19.66
CA ALA A 414 5.56 0.75 -20.38
C ALA A 414 5.03 -0.63 -19.99
N ARG A 415 4.89 -0.85 -18.68
CA ARG A 415 4.35 -2.08 -18.12
C ARG A 415 2.98 -2.37 -18.76
N ASP A 416 2.18 -1.31 -18.90
CA ASP A 416 0.83 -1.43 -19.41
C ASP A 416 0.87 -1.73 -20.93
N ILE A 417 1.84 -1.14 -21.63
CA ILE A 417 1.97 -1.32 -23.06
C ILE A 417 2.37 -2.78 -23.33
N LYS A 418 3.37 -3.28 -22.61
CA LYS A 418 3.82 -4.67 -22.70
C LYS A 418 2.64 -5.64 -22.60
N LEU A 419 1.66 -5.33 -21.73
CA LEU A 419 0.47 -6.16 -21.58
C LEU A 419 -0.38 -6.08 -22.85
N TYR A 420 -0.58 -4.85 -23.35
CA TYR A 420 -1.47 -4.57 -24.46
C TYR A 420 -0.95 -5.25 -25.74
N GLN A 421 0.36 -5.53 -25.80
CA GLN A 421 0.97 -6.17 -26.97
C GLN A 421 0.59 -7.65 -26.99
N GLU A 422 0.48 -8.27 -25.82
CA GLU A 422 0.14 -9.70 -25.72
C GLU A 422 -1.36 -9.94 -26.01
N LEU A 423 -2.10 -8.85 -26.18
CA LEU A 423 -3.53 -8.89 -26.50
C LEU A 423 -3.76 -8.26 -27.87
N GLY A 424 -2.69 -8.14 -28.65
CA GLY A 424 -2.76 -7.85 -30.08
C GLY A 424 -2.70 -6.37 -30.41
N TYR A 425 -2.14 -5.58 -29.50
CA TYR A 425 -1.95 -4.16 -29.74
C TYR A 425 -0.46 -3.91 -30.00
N GLU A 426 -0.17 -3.26 -31.13
CA GLU A 426 1.19 -2.82 -31.47
C GLU A 426 1.31 -1.34 -31.08
N LEU A 427 2.46 -0.97 -30.51
CA LEU A 427 2.80 0.40 -30.23
C LEU A 427 3.23 1.07 -31.53
N LYS A 428 2.49 2.11 -31.96
CA LYS A 428 2.63 2.73 -33.27
C LYS A 428 3.43 4.03 -33.15
N LYS A 429 3.15 4.85 -32.12
CA LYS A 429 3.93 6.09 -31.95
C LYS A 429 3.93 6.54 -30.48
N VAL A 430 4.90 7.37 -30.14
CA VAL A 430 5.08 7.85 -28.79
C VAL A 430 5.57 9.30 -28.85
N GLN A 431 4.89 10.19 -28.13
CA GLN A 431 5.30 11.61 -28.16
C GLN A 431 5.41 12.16 -26.74
N PRO A 432 6.63 12.35 -26.19
CA PRO A 432 6.79 13.01 -24.90
C PRO A 432 6.40 14.51 -25.00
N VAL A 433 5.77 15.02 -23.94
CA VAL A 433 5.40 16.41 -23.83
C VAL A 433 5.89 16.93 -22.47
N ASP A 434 6.45 18.16 -22.45
CA ASP A 434 7.05 18.72 -21.20
C ASP A 434 6.00 19.51 -20.42
N LEU A 435 5.23 18.80 -19.60
CA LEU A 435 4.20 19.39 -18.76
C LEU A 435 4.83 19.96 -17.49
N PHE A 436 6.02 19.45 -17.13
CA PHE A 436 6.69 19.79 -15.88
C PHE A 436 8.15 20.17 -16.12
N PRO A 437 8.41 21.31 -16.81
CA PRO A 437 9.77 21.82 -16.95
C PRO A 437 10.42 22.13 -15.59
N GLN A 438 11.74 22.04 -15.60
CA GLN A 438 12.63 22.14 -14.41
C GLN A 438 12.48 20.92 -13.48
N THR A 439 11.64 19.92 -13.85
CA THR A 439 11.50 18.72 -12.99
C THR A 439 11.91 17.49 -13.81
N HIS A 440 12.04 16.37 -13.12
CA HIS A 440 12.40 15.15 -13.78
C HIS A 440 11.19 14.49 -14.44
N HIS A 441 9.97 14.95 -14.15
CA HIS A 441 8.75 14.29 -14.64
C HIS A 441 8.61 14.50 -16.16
N VAL A 442 8.07 13.47 -16.84
CA VAL A 442 7.83 13.48 -18.26
C VAL A 442 6.41 13.00 -18.52
N GLN A 443 5.73 13.70 -19.43
CA GLN A 443 4.41 13.33 -19.89
C GLN A 443 4.53 12.69 -21.28
N THR A 444 3.84 11.58 -21.50
CA THR A 444 3.90 10.91 -22.81
C THR A 444 2.48 10.62 -23.30
N VAL A 445 2.30 10.62 -24.62
CA VAL A 445 1.12 10.02 -25.27
C VAL A 445 1.62 8.92 -26.20
N ALA A 446 1.12 7.69 -26.03
CA ALA A 446 1.41 6.58 -26.92
C ALA A 446 0.11 6.16 -27.63
N LEU A 447 0.21 5.91 -28.94
CA LEU A 447 -0.88 5.37 -29.76
C LEU A 447 -0.67 3.86 -29.91
N LEU A 448 -1.70 3.08 -29.55
CA LEU A 448 -1.70 1.64 -29.67
C LEU A 448 -2.72 1.26 -30.75
N SER A 449 -2.45 0.17 -31.48
CA SER A 449 -3.19 -0.14 -32.68
C SER A 449 -3.46 -1.64 -32.75
N LYS A 450 -4.69 -1.98 -33.13
CA LYS A 450 -5.11 -3.34 -33.34
C LYS A 450 -4.56 -3.82 -34.69
N LEU A 451 -3.65 -4.80 -34.63
CA LEU A 451 -3.40 -5.63 -35.79
C LEU A 451 -4.50 -6.69 -35.91
N ASP A 452 -4.41 -7.72 -35.04
CA ASP A 452 -5.19 -8.95 -35.08
C ASP A 452 -6.69 -8.63 -35.09
N VAL A 453 -7.49 -9.52 -35.65
CA VAL A 453 -8.94 -9.42 -35.60
C VAL A 453 -9.47 -10.68 -34.91
N ASP A 454 -9.97 -10.50 -33.69
CA ASP A 454 -10.14 -11.57 -32.72
C ASP A 454 -11.46 -11.35 -31.99
N MET B 1 29.05 10.99 22.37
CA MET B 1 29.96 10.65 21.24
C MET B 1 29.62 9.26 20.66
N LEU B 2 28.41 8.76 20.94
CA LEU B 2 28.06 7.35 20.72
C LEU B 2 27.79 7.13 19.23
N LYS B 3 28.48 6.13 18.65
CA LYS B 3 28.45 5.85 17.21
C LYS B 3 28.61 4.33 17.01
N LYS B 4 28.40 3.90 15.76
CA LYS B 4 28.45 2.51 15.34
C LYS B 4 29.60 1.75 16.03
N ASN B 5 29.27 0.52 16.43
CA ASN B 5 30.02 -0.39 17.33
C ASN B 5 31.03 0.35 18.22
N ASP B 6 30.53 1.31 19.01
CA ASP B 6 31.06 1.57 20.35
C ASP B 6 30.51 0.45 21.26
N ILE B 7 31.15 0.24 22.42
CA ILE B 7 30.76 -0.81 23.38
C ILE B 7 30.34 -0.14 24.71
N VAL B 8 29.15 -0.50 25.21
CA VAL B 8 28.60 0.14 26.40
C VAL B 8 27.82 -0.87 27.26
N GLU B 9 28.04 -0.75 28.57
CA GLU B 9 27.35 -1.50 29.59
C GLU B 9 26.00 -0.83 29.81
N VAL B 10 24.94 -1.62 29.68
CA VAL B 10 23.60 -1.14 29.91
C VAL B 10 22.80 -2.20 30.67
N GLU B 11 21.65 -1.74 31.16
CA GLU B 11 20.66 -2.54 31.87
C GLU B 11 19.33 -2.44 31.10
N ILE B 12 18.70 -3.60 30.83
CA ILE B 12 17.42 -3.63 30.13
C ILE B 12 16.29 -3.39 31.16
N VAL B 13 15.35 -2.48 30.85
CA VAL B 13 14.29 -2.08 31.80
C VAL B 13 12.87 -2.39 31.27
N ASP B 14 12.72 -2.90 30.05
CA ASP B 14 11.38 -3.20 29.51
C ASP B 14 11.51 -4.01 28.21
N LEU B 15 10.36 -4.43 27.68
CA LEU B 15 10.27 -5.22 26.46
C LEU B 15 9.29 -4.51 25.50
N THR B 16 9.71 -4.34 24.24
CA THR B 16 8.86 -3.73 23.22
C THR B 16 7.80 -4.73 22.70
N HIS B 17 6.83 -4.17 21.99
CA HIS B 17 5.86 -4.86 21.14
C HIS B 17 6.42 -6.16 20.58
N GLU B 18 7.59 -6.07 19.93
CA GLU B 18 8.22 -7.17 19.21
C GLU B 18 8.94 -8.12 20.17
N GLY B 19 9.08 -7.70 21.43
CA GLY B 19 9.81 -8.47 22.43
C GLY B 19 11.30 -8.13 22.49
N ALA B 20 11.69 -7.01 21.87
CA ALA B 20 13.07 -6.50 21.93
C ALA B 20 13.29 -5.78 23.26
N GLY B 21 14.55 -5.78 23.70
CA GLY B 21 14.95 -5.22 24.99
C GLY B 21 15.18 -3.72 24.89
N VAL B 22 14.62 -2.94 25.83
CA VAL B 22 14.85 -1.49 25.86
C VAL B 22 15.91 -1.15 26.92
N ALA B 23 16.79 -0.22 26.51
CA ALA B 23 17.88 0.32 27.27
C ALA B 23 17.92 1.85 27.07
N LYS B 24 18.19 2.59 28.15
CA LYS B 24 18.42 4.04 28.11
C LYS B 24 19.94 4.29 28.16
N VAL B 25 20.43 5.15 27.27
CA VAL B 25 21.84 5.48 27.19
C VAL B 25 21.95 6.96 26.83
N ASP B 26 22.10 7.81 27.85
CA ASP B 26 22.46 9.22 27.71
C ASP B 26 21.45 9.93 26.80
N GLY B 27 20.16 9.81 27.16
CA GLY B 27 19.06 10.44 26.46
C GLY B 27 18.45 9.54 25.39
N LEU B 28 19.24 8.59 24.86
CA LEU B 28 18.86 7.75 23.71
C LEU B 28 18.19 6.45 24.21
N VAL B 29 17.16 6.01 23.49
CA VAL B 29 16.53 4.72 23.70
C VAL B 29 17.18 3.73 22.70
N PHE B 30 17.64 2.59 23.22
CA PHE B 30 18.25 1.55 22.41
C PHE B 30 17.37 0.31 22.43
N PHE B 31 17.25 -0.37 21.28
CA PHE B 31 16.54 -1.63 21.19
C PHE B 31 17.55 -2.74 20.91
N VAL B 32 17.43 -3.87 21.62
CA VAL B 32 18.45 -4.91 21.69
C VAL B 32 17.77 -6.28 21.81
N GLU B 33 17.97 -7.14 20.80
CA GLU B 33 17.30 -8.44 20.72
C GLU B 33 17.99 -9.43 21.67
N ASN B 34 17.21 -10.38 22.18
CA ASN B 34 17.64 -11.45 23.09
C ASN B 34 18.20 -10.83 24.38
N ALA B 35 17.52 -9.81 24.91
CA ALA B 35 17.87 -9.16 26.19
C ALA B 35 16.59 -8.84 26.98
N LEU B 36 16.45 -9.47 28.15
CA LEU B 36 15.29 -9.38 29.03
C LEU B 36 15.49 -8.30 30.08
N PRO B 37 14.41 -7.69 30.63
CA PRO B 37 14.51 -6.82 31.79
C PRO B 37 15.30 -7.46 32.94
N SER B 38 16.08 -6.61 33.63
CA SER B 38 16.99 -6.96 34.75
C SER B 38 18.39 -7.30 34.22
N GLU B 39 18.48 -7.93 33.03
CA GLU B 39 19.77 -8.36 32.45
C GLU B 39 20.66 -7.13 32.26
N LYS B 40 21.97 -7.33 32.46
CA LYS B 40 22.99 -6.34 32.22
C LYS B 40 23.94 -6.90 31.16
N ILE B 41 24.20 -6.13 30.12
CA ILE B 41 24.94 -6.63 28.98
C ILE B 41 26.00 -5.59 28.62
N LEU B 42 27.10 -6.07 28.03
CA LEU B 42 27.89 -5.24 27.17
C LEU B 42 27.13 -5.18 25.85
N MET B 43 26.87 -3.96 25.39
CA MET B 43 26.06 -3.70 24.22
C MET B 43 26.95 -3.10 23.13
N ARG B 44 26.97 -3.75 21.97
CA ARG B 44 27.60 -3.21 20.78
C ARG B 44 26.51 -2.50 19.98
N VAL B 45 26.75 -1.23 19.66
CA VAL B 45 25.84 -0.36 18.91
C VAL B 45 25.86 -0.76 17.44
N LEU B 46 24.69 -0.95 16.83
CA LEU B 46 24.58 -1.25 15.41
C LEU B 46 24.30 0.05 14.64
N LYS B 47 23.24 0.76 15.06
CA LYS B 47 22.86 2.05 14.48
C LYS B 47 22.40 2.98 15.61
N VAL B 48 22.68 4.28 15.44
CA VAL B 48 22.22 5.31 16.36
C VAL B 48 21.92 6.57 15.54
N ASN B 49 20.70 7.10 15.69
CA ASN B 49 20.27 8.40 15.10
C ASN B 49 20.25 9.44 16.23
N LYS B 50 19.39 10.47 16.08
CA LYS B 50 19.03 11.38 17.18
C LYS B 50 17.72 10.90 17.83
N LYS B 51 17.84 10.24 18.99
CA LYS B 51 16.72 9.68 19.76
C LYS B 51 16.88 8.17 19.93
N ILE B 52 16.89 7.44 18.81
CA ILE B 52 16.69 5.98 18.78
C ILE B 52 17.98 5.29 18.31
N GLY B 53 18.16 4.04 18.72
CA GLY B 53 19.32 3.27 18.36
C GLY B 53 19.09 1.77 18.50
N PHE B 54 19.98 0.99 17.88
CA PHE B 54 19.95 -0.45 17.91
C PHE B 54 21.30 -1.00 18.35
N GLY B 55 21.24 -2.12 19.08
CA GLY B 55 22.41 -2.72 19.69
C GLY B 55 22.32 -4.23 19.68
N LYS B 56 23.46 -4.88 19.84
CA LYS B 56 23.55 -6.33 19.96
C LYS B 56 24.27 -6.69 21.27
N VAL B 57 23.86 -7.78 21.89
CA VAL B 57 24.55 -8.33 23.06
C VAL B 57 25.93 -8.87 22.66
N GLU B 58 27.02 -8.25 23.13
CA GLU B 58 28.40 -8.78 23.00
C GLU B 58 28.66 -9.84 24.09
N LYS B 59 28.30 -9.51 25.34
CA LYS B 59 28.44 -10.41 26.51
C LYS B 59 27.24 -10.20 27.45
N TYR B 60 26.84 -11.28 28.13
CA TYR B 60 25.81 -11.24 29.18
C TYR B 60 26.49 -11.17 30.55
N LEU B 61 26.32 -10.04 31.24
CA LEU B 61 26.95 -9.86 32.56
C LEU B 61 26.07 -10.56 33.59
N VAL B 62 24.78 -10.24 33.61
CA VAL B 62 23.83 -10.90 34.53
C VAL B 62 22.55 -11.24 33.76
N GLN B 63 22.17 -12.52 33.78
CA GLN B 63 21.01 -13.03 33.03
C GLN B 63 19.78 -13.11 33.95
N SER B 64 18.61 -12.91 33.33
CA SER B 64 17.34 -12.83 34.03
C SER B 64 17.09 -14.18 34.69
N PRO B 65 16.32 -14.23 35.80
CA PRO B 65 15.82 -15.50 36.31
C PRO B 65 14.72 -16.10 35.42
N HIS B 66 14.19 -15.29 34.48
CA HIS B 66 13.08 -15.66 33.62
C HIS B 66 13.56 -16.20 32.26
N ARG B 67 14.85 -16.05 31.96
CA ARG B 67 15.44 -16.57 30.72
C ARG B 67 15.21 -18.08 30.66
N ASN B 68 15.00 -18.59 29.44
CA ASN B 68 14.95 -20.01 29.12
C ASN B 68 16.34 -20.45 28.60
N GLN B 69 16.99 -21.40 29.29
CA GLN B 69 18.32 -21.91 28.91
C GLN B 69 18.10 -23.21 28.12
N ASP B 70 17.87 -23.05 26.82
CA ASP B 70 17.47 -24.14 25.93
C ASP B 70 18.01 -23.84 24.53
N LEU B 71 18.52 -24.91 23.89
CA LEU B 71 19.43 -24.80 22.75
C LEU B 71 18.65 -24.55 21.46
N ASP B 72 18.83 -23.35 20.88
CA ASP B 72 18.49 -22.98 19.47
C ASP B 72 17.05 -22.48 19.34
N LEU B 73 16.87 -21.21 19.73
CA LEU B 73 15.62 -20.47 19.60
C LEU B 73 15.89 -19.16 18.84
N ALA B 74 16.10 -19.31 17.54
CA ALA B 74 16.25 -18.22 16.55
C ALA B 74 17.29 -17.18 16.98
N TYR B 75 18.60 -17.47 16.95
CA TYR B 75 19.25 -18.79 16.93
C TYR B 75 18.71 -19.68 15.80
N LEU B 76 18.18 -20.86 16.16
CA LEU B 76 17.45 -21.74 15.25
C LEU B 76 16.12 -21.09 14.88
N ARG B 77 16.08 -20.50 13.66
CA ARG B 77 14.89 -19.95 12.99
C ARG B 77 15.22 -18.58 12.38
N SER B 78 16.03 -17.80 13.12
CA SER B 78 16.35 -16.38 12.85
C SER B 78 15.10 -15.50 12.78
N GLY B 79 13.92 -16.07 13.10
CA GLY B 79 12.65 -15.47 12.77
C GLY B 79 11.50 -16.15 13.47
N ILE B 80 11.51 -17.49 13.50
CA ILE B 80 10.40 -18.32 14.00
C ILE B 80 10.02 -17.88 15.41
N ALA B 81 10.91 -18.13 16.41
CA ALA B 81 10.54 -18.04 17.82
C ALA B 81 11.21 -16.84 18.52
N ASP B 82 10.65 -15.64 18.32
CA ASP B 82 11.28 -14.40 18.79
C ASP B 82 11.06 -14.15 20.31
N LEU B 83 10.26 -14.99 20.99
CA LEU B 83 10.07 -14.90 22.45
C LEU B 83 10.51 -16.21 23.12
N GLY B 84 11.26 -17.05 22.39
CA GLY B 84 11.64 -18.39 22.83
C GLY B 84 12.68 -18.37 23.94
N HIS B 85 13.39 -17.25 24.10
CA HIS B 85 14.34 -17.09 25.18
C HIS B 85 13.64 -16.73 26.51
N LEU B 86 12.31 -16.60 26.48
CA LEU B 86 11.51 -16.23 27.64
C LEU B 86 10.80 -17.48 28.17
N SER B 87 10.81 -17.69 29.49
CA SER B 87 10.07 -18.80 30.10
C SER B 87 8.59 -18.65 29.74
N TYR B 88 7.82 -19.73 29.85
CA TYR B 88 6.48 -19.68 29.28
C TYR B 88 5.55 -18.82 30.11
N PRO B 89 5.52 -18.93 31.46
CA PRO B 89 4.72 -18.02 32.29
C PRO B 89 4.90 -16.52 32.05
N GLU B 90 6.13 -16.08 31.75
CA GLU B 90 6.43 -14.66 31.49
C GLU B 90 5.98 -14.26 30.07
N GLN B 91 5.95 -15.22 29.14
CA GLN B 91 5.33 -15.02 27.81
C GLN B 91 3.86 -14.59 27.97
N LEU B 92 3.10 -15.32 28.80
CA LEU B 92 1.70 -15.08 29.05
C LEU B 92 1.49 -13.69 29.65
N LYS B 93 2.35 -13.33 30.63
CA LYS B 93 2.24 -12.06 31.35
C LYS B 93 2.48 -10.89 30.39
N PHE B 94 3.49 -11.08 29.52
CA PHE B 94 3.90 -10.09 28.50
C PHE B 94 2.74 -9.84 27.52
N LYS B 95 2.00 -10.89 27.18
CA LYS B 95 0.97 -10.78 26.13
C LYS B 95 -0.25 -10.12 26.74
N THR B 96 -0.48 -10.39 28.03
CA THR B 96 -1.56 -9.73 28.74
C THR B 96 -1.28 -8.23 28.81
N LYS B 97 -0.01 -7.89 29.13
CA LYS B 97 0.47 -6.52 29.26
C LYS B 97 0.32 -5.77 27.92
N GLN B 98 0.63 -6.44 26.81
CA GLN B 98 0.58 -5.84 25.48
C GLN B 98 -0.86 -5.42 25.13
N VAL B 99 -1.84 -6.21 25.57
CA VAL B 99 -3.26 -5.93 25.27
C VAL B 99 -3.74 -4.73 26.08
N LYS B 100 -3.46 -4.69 27.38
CA LYS B 100 -3.79 -3.55 28.27
C LYS B 100 -3.21 -2.25 27.69
N ASP B 101 -1.95 -2.31 27.22
CA ASP B 101 -1.15 -1.13 26.81
C ASP B 101 -1.68 -0.53 25.50
N SER B 102 -2.04 -1.40 24.55
CA SER B 102 -2.62 -0.97 23.30
C SER B 102 -4.02 -0.37 23.52
N LEU B 103 -4.82 -1.04 24.34
CA LEU B 103 -6.15 -0.55 24.68
C LEU B 103 -6.06 0.88 25.21
N TYR B 104 -5.06 1.13 26.07
CA TYR B 104 -4.90 2.44 26.69
C TYR B 104 -4.33 3.46 25.68
N LYS B 105 -3.22 3.11 25.02
CA LYS B 105 -2.45 4.04 24.19
C LYS B 105 -3.23 4.47 22.93
N ILE B 106 -4.16 3.63 22.44
CA ILE B 106 -4.81 3.82 21.13
C ILE B 106 -6.33 4.05 21.30
N ALA B 107 -6.98 3.20 22.10
CA ALA B 107 -8.42 3.27 22.35
C ALA B 107 -8.71 4.29 23.45
N GLY B 108 -7.72 4.58 24.32
CA GLY B 108 -7.90 5.44 25.48
C GLY B 108 -8.59 4.74 26.65
N ILE B 109 -8.83 3.42 26.52
CA ILE B 109 -9.64 2.67 27.47
C ILE B 109 -8.70 2.13 28.55
N ALA B 110 -8.74 2.73 29.75
CA ALA B 110 -7.99 2.27 30.91
C ALA B 110 -8.87 1.35 31.77
N ASP B 111 -10.19 1.62 31.73
CA ASP B 111 -11.16 1.04 32.66
C ASP B 111 -11.88 -0.14 31.98
N VAL B 112 -11.15 -1.25 31.80
CA VAL B 112 -11.71 -2.55 31.41
C VAL B 112 -10.81 -3.65 31.97
N GLU B 113 -11.43 -4.79 32.30
CA GLU B 113 -10.71 -5.95 32.80
C GLU B 113 -10.21 -6.78 31.61
N VAL B 114 -8.90 -7.00 31.58
CA VAL B 114 -8.22 -7.83 30.61
C VAL B 114 -7.75 -9.09 31.34
N ALA B 115 -8.43 -10.21 31.09
CA ALA B 115 -8.09 -11.46 31.73
C ALA B 115 -6.65 -11.83 31.35
N GLU B 116 -6.02 -12.69 32.16
CA GLU B 116 -4.69 -13.17 31.90
C GLU B 116 -4.73 -14.07 30.67
N THR B 117 -3.61 -14.21 29.98
CA THR B 117 -3.58 -14.90 28.73
C THR B 117 -3.82 -16.39 28.99
N LEU B 118 -4.73 -17.00 28.22
CA LEU B 118 -5.02 -18.42 28.24
C LEU B 118 -3.90 -19.16 27.51
N GLY B 119 -3.05 -19.84 28.27
CA GLY B 119 -1.85 -20.46 27.73
C GLY B 119 -2.12 -21.86 27.18
N MET B 120 -1.10 -22.41 26.52
CA MET B 120 -1.12 -23.72 25.94
C MET B 120 -0.39 -24.69 26.89
N GLU B 121 -1.01 -25.83 27.17
CA GLU B 121 -0.46 -26.83 28.09
C GLU B 121 0.96 -27.23 27.67
N HIS B 122 1.15 -27.52 26.36
CA HIS B 122 2.47 -27.87 25.78
C HIS B 122 2.79 -26.90 24.64
N PRO B 123 3.41 -25.74 24.94
CA PRO B 123 3.50 -24.65 23.95
C PRO B 123 4.60 -24.84 22.89
N VAL B 124 4.69 -26.05 22.33
CA VAL B 124 5.67 -26.38 21.30
C VAL B 124 4.96 -27.18 20.19
N LYS B 125 5.61 -27.26 19.02
CA LYS B 125 5.29 -28.20 17.95
C LYS B 125 3.79 -28.14 17.60
N TYR B 126 3.25 -26.93 17.43
CA TYR B 126 1.80 -26.71 17.44
C TYR B 126 1.26 -26.37 16.04
N ARG B 127 2.13 -25.92 15.12
CA ARG B 127 1.67 -25.36 13.83
C ARG B 127 1.25 -26.46 12.87
N ASN B 128 0.06 -26.28 12.27
CA ASN B 128 -0.52 -27.26 11.36
C ASN B 128 -0.17 -26.87 9.93
N LYS B 129 0.54 -25.76 9.72
CA LYS B 129 0.92 -25.33 8.38
C LYS B 129 2.36 -24.77 8.40
N ALA B 130 3.13 -25.16 7.38
CA ALA B 130 4.51 -24.65 7.14
C ALA B 130 4.55 -24.05 5.74
N GLN B 131 4.90 -22.76 5.63
CA GLN B 131 5.15 -22.10 4.31
C GLN B 131 6.66 -21.80 4.24
N VAL B 132 7.42 -22.65 3.53
CA VAL B 132 8.89 -22.66 3.56
C VAL B 132 9.45 -22.14 2.25
N PRO B 133 10.28 -21.08 2.22
CA PRO B 133 10.97 -20.67 1.00
C PRO B 133 12.02 -21.70 0.58
N VAL B 134 12.29 -21.75 -0.72
CA VAL B 134 13.25 -22.63 -1.31
C VAL B 134 14.23 -21.72 -2.03
N ARG B 135 15.52 -21.79 -1.68
CA ARG B 135 16.50 -20.92 -2.24
C ARG B 135 17.82 -21.68 -2.44
N ARG B 136 18.67 -21.07 -3.27
CA ARG B 136 20.03 -21.52 -3.51
C ARG B 136 20.95 -20.77 -2.53
N VAL B 137 21.59 -21.52 -1.61
CA VAL B 137 22.53 -20.92 -0.69
C VAL B 137 23.79 -21.77 -0.57
N ASN B 138 24.93 -21.15 -0.92
CA ASN B 138 26.29 -21.72 -0.89
C ASN B 138 26.30 -22.97 -1.81
N GLY B 139 25.83 -22.77 -3.03
CA GLY B 139 25.78 -23.81 -4.03
C GLY B 139 24.49 -24.61 -3.97
N VAL B 140 23.95 -24.87 -2.76
CA VAL B 140 23.04 -26.01 -2.53
C VAL B 140 21.60 -25.53 -2.27
N LEU B 141 20.64 -26.34 -2.76
CA LEU B 141 19.19 -26.08 -2.62
C LEU B 141 18.77 -26.31 -1.16
N GLU B 142 18.21 -25.27 -0.55
CA GLU B 142 17.95 -25.28 0.89
C GLU B 142 16.52 -24.85 1.17
N THR B 143 15.94 -25.50 2.18
CA THR B 143 14.74 -25.05 2.86
C THR B 143 15.16 -24.39 4.18
N GLY B 144 14.39 -23.37 4.58
CA GLY B 144 14.65 -22.62 5.78
C GLY B 144 13.72 -21.43 5.93
N PHE B 145 14.11 -20.52 6.83
CA PHE B 145 13.32 -19.34 7.19
C PHE B 145 14.19 -18.09 7.04
N PHE B 146 13.58 -16.97 6.64
CA PHE B 146 14.35 -15.73 6.48
C PHE B 146 14.70 -15.17 7.86
N ARG B 147 15.88 -14.57 7.95
CA ARG B 147 16.25 -13.80 9.11
C ARG B 147 15.39 -12.54 9.12
N LYS B 148 15.02 -12.10 10.33
CA LYS B 148 14.29 -10.87 10.56
C LYS B 148 14.84 -9.74 9.68
N ASN B 149 13.90 -8.99 9.08
CA ASN B 149 14.19 -7.77 8.32
C ASN B 149 15.13 -8.05 7.13
N SER B 150 15.12 -9.30 6.64
CA SER B 150 15.95 -9.70 5.51
C SER B 150 15.22 -10.75 4.67
N HIS B 151 15.81 -11.05 3.52
CA HIS B 151 15.53 -12.27 2.77
C HIS B 151 16.79 -13.14 2.74
N ASN B 152 17.49 -13.18 3.88
CA ASN B 152 18.61 -14.08 4.08
C ASN B 152 18.07 -15.40 4.65
N LEU B 153 18.11 -16.45 3.84
CA LEU B 153 17.64 -17.79 4.17
C LEU B 153 18.62 -18.45 5.14
N MET B 154 18.12 -18.90 6.28
CA MET B 154 18.85 -19.74 7.24
C MET B 154 18.46 -21.19 6.98
N PRO B 155 19.35 -22.06 6.45
CA PRO B 155 19.06 -23.49 6.34
C PRO B 155 18.55 -24.04 7.68
N LEU B 156 17.52 -24.91 7.63
CA LEU B 156 16.88 -25.47 8.83
C LEU B 156 16.20 -26.81 8.50
N GLU B 157 16.29 -27.77 9.43
CA GLU B 157 15.52 -29.02 9.38
C GLU B 157 14.46 -29.05 10.49
N ASP B 158 14.89 -28.72 11.72
CA ASP B 158 13.96 -28.59 12.87
C ASP B 158 13.47 -27.14 12.92
N PHE B 159 12.15 -26.98 13.06
CA PHE B 159 11.47 -25.69 12.99
C PHE B 159 10.82 -25.34 14.34
N PHE B 160 10.89 -26.27 15.30
CA PHE B 160 10.64 -25.99 16.74
C PHE B 160 9.13 -25.95 17.04
N ILE B 161 8.41 -25.05 16.37
CA ILE B 161 6.99 -24.81 16.69
C ILE B 161 6.06 -25.49 15.68
N GLN B 162 6.58 -26.31 14.76
CA GLN B 162 5.75 -27.02 13.77
C GLN B 162 5.46 -28.45 14.22
N ASP B 163 4.28 -28.95 13.86
CA ASP B 163 3.98 -30.36 13.91
C ASP B 163 5.17 -31.13 13.34
N PRO B 164 5.81 -32.04 14.13
CA PRO B 164 7.02 -32.71 13.68
C PRO B 164 6.89 -33.50 12.35
N VAL B 165 5.70 -34.04 12.06
CA VAL B 165 5.43 -34.70 10.80
C VAL B 165 5.62 -33.70 9.65
N ILE B 166 5.09 -32.49 9.77
CA ILE B 166 5.27 -31.48 8.72
C ILE B 166 6.77 -31.29 8.47
N ASP B 167 7.60 -31.23 9.54
CA ASP B 167 9.06 -31.12 9.43
C ASP B 167 9.63 -32.19 8.49
N GLN B 168 9.24 -33.46 8.72
CA GLN B 168 9.74 -34.62 7.96
C GLN B 168 9.37 -34.56 6.46
N VAL B 169 8.12 -34.18 6.18
CA VAL B 169 7.64 -34.06 4.81
C VAL B 169 8.48 -33.01 4.08
N VAL B 170 8.72 -31.86 4.72
CA VAL B 170 9.48 -30.76 4.10
C VAL B 170 10.91 -31.25 3.80
N VAL B 171 11.51 -32.01 4.73
CA VAL B 171 12.90 -32.51 4.53
C VAL B 171 12.91 -33.57 3.41
N ALA B 172 11.87 -34.42 3.37
CA ALA B 172 11.77 -35.42 2.29
C ALA B 172 11.59 -34.69 0.95
N LEU B 173 10.80 -33.63 0.94
CA LEU B 173 10.60 -32.88 -0.33
C LEU B 173 11.90 -32.23 -0.79
N ARG B 174 12.67 -31.69 0.16
CA ARG B 174 13.94 -31.00 -0.11
C ARG B 174 14.92 -32.00 -0.75
N ASP B 175 14.98 -33.20 -0.21
CA ASP B 175 15.90 -34.25 -0.68
C ASP B 175 15.47 -34.72 -2.09
N LEU B 176 14.16 -34.77 -2.36
CA LEU B 176 13.61 -35.10 -3.68
C LEU B 176 13.85 -33.96 -4.70
N LEU B 177 13.79 -32.69 -4.29
CA LEU B 177 14.04 -31.59 -5.24
C LEU B 177 15.54 -31.52 -5.58
N ARG B 178 16.42 -31.97 -4.68
CA ARG B 178 17.85 -32.02 -4.98
C ARG B 178 18.09 -33.16 -6.00
N ARG B 179 17.55 -34.34 -5.71
CA ARG B 179 17.83 -35.55 -6.54
C ARG B 179 17.18 -35.45 -7.94
N PHE B 180 16.06 -34.73 -8.11
CA PHE B 180 15.47 -34.50 -9.43
C PHE B 180 16.00 -33.20 -10.05
N ASP B 181 17.02 -32.63 -9.43
CA ASP B 181 17.64 -31.35 -9.81
C ASP B 181 16.60 -30.36 -10.36
N LEU B 182 15.63 -29.99 -9.52
CA LEU B 182 14.73 -28.88 -9.84
C LEU B 182 15.37 -27.58 -9.34
N LYS B 183 15.08 -26.48 -10.04
CA LYS B 183 15.82 -25.20 -9.92
C LYS B 183 15.10 -24.29 -8.92
N PRO B 184 15.72 -23.98 -7.76
CA PRO B 184 15.14 -23.00 -6.83
C PRO B 184 15.06 -21.57 -7.39
N TYR B 185 14.10 -20.82 -6.87
CA TYR B 185 13.83 -19.43 -7.26
C TYR B 185 15.03 -18.55 -6.86
N ASP B 186 15.29 -17.52 -7.70
CA ASP B 186 16.26 -16.47 -7.42
C ASP B 186 15.58 -15.10 -7.66
N GLU B 187 15.51 -14.29 -6.61
CA GLU B 187 14.69 -13.10 -6.60
C GLU B 187 15.33 -12.04 -7.50
N LYS B 188 16.65 -11.84 -7.33
CA LYS B 188 17.40 -10.79 -8.04
C LYS B 188 17.40 -11.09 -9.54
N GLU B 189 17.98 -12.23 -9.91
CA GLU B 189 18.09 -12.67 -11.31
C GLU B 189 16.71 -12.92 -11.93
N GLN B 190 15.67 -13.03 -11.10
CA GLN B 190 14.33 -13.40 -11.55
C GLN B 190 14.42 -14.63 -12.45
N SER B 191 14.83 -15.76 -11.85
CA SER B 191 15.03 -17.02 -12.52
C SER B 191 14.67 -18.17 -11.58
N GLY B 192 14.63 -19.37 -12.14
CA GLY B 192 14.40 -20.60 -11.40
C GLY B 192 12.93 -20.96 -11.35
N LEU B 193 12.66 -22.08 -10.68
CA LEU B 193 11.42 -22.82 -10.78
C LEU B 193 10.68 -22.85 -9.43
N ILE B 194 11.32 -23.40 -8.39
CA ILE B 194 10.69 -23.68 -7.09
C ILE B 194 10.82 -22.48 -6.14
N ARG B 195 9.69 -21.85 -5.82
CA ARG B 195 9.66 -20.69 -4.96
C ARG B 195 9.49 -21.08 -3.50
N ASN B 196 8.48 -21.93 -3.23
CA ASN B 196 8.05 -22.28 -1.85
C ASN B 196 7.50 -23.70 -1.81
N LEU B 197 7.63 -24.33 -0.63
CA LEU B 197 6.90 -25.53 -0.27
C LEU B 197 5.88 -25.18 0.81
N VAL B 198 4.62 -25.57 0.62
CA VAL B 198 3.62 -25.40 1.65
C VAL B 198 3.13 -26.78 2.06
N VAL B 199 3.10 -27.06 3.36
CA VAL B 199 2.61 -28.31 3.82
C VAL B 199 1.60 -27.99 4.94
N ARG B 200 0.36 -28.45 4.76
CA ARG B 200 -0.68 -28.34 5.83
C ARG B 200 -1.05 -29.76 6.27
N ARG B 201 -1.27 -29.94 7.56
CA ARG B 201 -1.62 -31.24 8.08
C ARG B 201 -2.72 -31.09 9.12
N GLY B 202 -3.83 -31.80 8.91
CA GLY B 202 -4.93 -31.82 9.88
C GLY B 202 -4.42 -32.18 11.26
N HIS B 203 -4.79 -31.39 12.26
CA HIS B 203 -4.37 -31.63 13.63
C HIS B 203 -5.01 -32.92 14.17
N TYR B 204 -6.30 -33.13 13.88
CA TYR B 204 -7.00 -34.30 14.35
C TYR B 204 -6.98 -35.41 13.30
N SER B 205 -7.06 -35.06 12.02
CA SER B 205 -7.23 -36.08 10.93
C SER B 205 -5.89 -36.65 10.46
N GLY B 206 -4.80 -35.89 10.59
CA GLY B 206 -3.49 -36.26 10.11
C GLY B 206 -3.37 -36.26 8.59
N GLN B 207 -4.36 -35.70 7.87
CA GLN B 207 -4.31 -35.63 6.41
C GLN B 207 -3.41 -34.47 6.00
N ILE B 208 -2.55 -34.72 5.02
CA ILE B 208 -1.54 -33.79 4.58
C ILE B 208 -1.85 -33.35 3.16
N MET B 209 -1.84 -32.02 2.97
CA MET B 209 -1.74 -31.39 1.64
C MET B 209 -0.31 -30.86 1.46
N VAL B 210 0.31 -31.18 0.33
CA VAL B 210 1.55 -30.55 -0.12
C VAL B 210 1.23 -29.58 -1.25
N VAL B 211 1.83 -28.37 -1.23
CA VAL B 211 1.73 -27.41 -2.36
C VAL B 211 3.14 -27.12 -2.89
N LEU B 212 3.32 -27.27 -4.21
CA LEU B 212 4.51 -26.81 -4.89
C LEU B 212 4.23 -25.42 -5.48
N VAL B 213 4.91 -24.39 -4.95
CA VAL B 213 4.77 -23.07 -5.47
C VAL B 213 5.91 -22.85 -6.46
N THR B 214 5.53 -22.58 -7.71
CA THR B 214 6.39 -22.73 -8.88
C THR B 214 6.23 -21.46 -9.73
N THR B 215 7.26 -21.09 -10.50
CA THR B 215 7.23 -19.88 -11.35
C THR B 215 6.57 -20.16 -12.70
N ARG B 216 6.39 -21.44 -13.05
CA ARG B 216 5.88 -21.84 -14.37
C ARG B 216 5.12 -23.16 -14.28
N PRO B 217 4.13 -23.39 -15.18
CA PRO B 217 3.33 -24.61 -15.14
C PRO B 217 4.09 -25.94 -15.14
N LYS B 218 5.19 -26.01 -15.90
CA LYS B 218 5.87 -27.26 -16.28
C LYS B 218 6.95 -27.62 -15.26
N VAL B 219 6.80 -28.81 -14.65
CA VAL B 219 7.75 -29.31 -13.71
C VAL B 219 8.12 -30.73 -14.15
N PHE B 220 9.37 -30.88 -14.62
CA PHE B 220 9.88 -32.10 -15.22
C PHE B 220 9.95 -33.21 -14.16
N ARG B 221 9.22 -34.30 -14.41
CA ARG B 221 9.26 -35.56 -13.62
C ARG B 221 8.42 -35.44 -12.35
N VAL B 222 7.47 -34.49 -12.37
CA VAL B 222 6.63 -34.14 -11.21
C VAL B 222 5.91 -35.38 -10.68
N ASP B 223 5.46 -36.24 -11.59
CA ASP B 223 4.72 -37.47 -11.29
C ASP B 223 5.61 -38.46 -10.52
N GLN B 224 6.89 -38.54 -10.89
CA GLN B 224 7.83 -39.48 -10.28
C GLN B 224 8.19 -38.97 -8.87
N LEU B 225 8.21 -37.64 -8.71
CA LEU B 225 8.53 -36.99 -7.45
C LEU B 225 7.34 -37.10 -6.47
N ILE B 226 6.12 -37.09 -7.00
CA ILE B 226 4.89 -37.27 -6.22
C ILE B 226 4.86 -38.71 -5.69
N GLU B 227 5.12 -39.67 -6.59
CA GLU B 227 5.09 -41.14 -6.33
C GLU B 227 6.06 -41.51 -5.19
N GLN B 228 7.22 -40.86 -5.15
CA GLN B 228 8.20 -41.09 -4.09
C GLN B 228 7.61 -40.59 -2.76
N VAL B 229 7.16 -39.34 -2.72
CA VAL B 229 6.75 -38.72 -1.45
C VAL B 229 5.50 -39.42 -0.90
N ILE B 230 4.56 -39.84 -1.78
CA ILE B 230 3.30 -40.46 -1.31
C ILE B 230 3.59 -41.87 -0.75
N LYS B 231 4.69 -42.49 -1.21
CA LYS B 231 5.20 -43.77 -0.67
C LYS B 231 5.68 -43.57 0.79
N GLN B 232 6.44 -42.50 1.05
CA GLN B 232 7.00 -42.23 2.37
C GLN B 232 5.91 -41.79 3.36
N PHE B 233 4.92 -41.03 2.88
CA PHE B 233 3.89 -40.41 3.73
C PHE B 233 2.53 -40.71 3.12
N PRO B 234 1.97 -41.91 3.42
CA PRO B 234 0.64 -42.28 2.93
C PRO B 234 -0.52 -41.45 3.53
N GLU B 235 -0.22 -40.58 4.49
CA GLU B 235 -1.21 -39.61 4.97
C GLU B 235 -1.36 -38.42 3.99
N ILE B 236 -0.48 -38.28 2.99
CA ILE B 236 -0.67 -37.27 1.95
C ILE B 236 -1.88 -37.66 1.06
N VAL B 237 -2.92 -36.83 1.07
CA VAL B 237 -4.12 -37.01 0.24
C VAL B 237 -4.22 -35.94 -0.86
N SER B 238 -3.37 -34.90 -0.81
CA SER B 238 -3.41 -33.84 -1.80
C SER B 238 -2.01 -33.30 -2.06
N VAL B 239 -1.66 -33.25 -3.34
CA VAL B 239 -0.54 -32.50 -3.82
C VAL B 239 -1.11 -31.52 -4.86
N MET B 240 -0.81 -30.23 -4.65
CA MET B 240 -1.28 -29.12 -5.45
C MET B 240 -0.08 -28.35 -6.00
N GLN B 241 -0.32 -27.62 -7.08
CA GLN B 241 0.64 -26.69 -7.65
C GLN B 241 0.03 -25.29 -7.59
N ASN B 242 0.78 -24.33 -7.05
CA ASN B 242 0.47 -22.93 -7.21
C ASN B 242 1.52 -22.32 -8.14
N ILE B 243 1.03 -21.52 -9.09
CA ILE B 243 1.87 -20.84 -10.07
C ILE B 243 1.89 -19.36 -9.71
N ASN B 244 3.10 -18.89 -9.35
CA ASN B 244 3.35 -17.52 -9.05
C ASN B 244 4.51 -17.05 -9.96
N ASP B 245 4.13 -16.26 -10.98
CA ASP B 245 5.03 -15.85 -12.04
C ASP B 245 5.58 -14.45 -11.80
N GLN B 246 5.12 -13.77 -10.74
CA GLN B 246 5.32 -12.32 -10.53
C GLN B 246 6.47 -12.06 -9.54
N ASN B 247 7.05 -10.86 -9.66
CA ASN B 247 7.99 -10.32 -8.66
C ASN B 247 7.17 -9.69 -7.54
N THR B 248 6.90 -10.48 -6.49
CA THR B 248 6.03 -10.12 -5.38
C THR B 248 6.42 -10.98 -4.17
N ASN B 249 6.12 -10.50 -2.97
CA ASN B 249 6.41 -11.21 -1.74
C ASN B 249 5.19 -12.05 -1.31
N ALA B 250 4.04 -11.87 -1.98
CA ALA B 250 2.97 -12.85 -1.81
C ALA B 250 3.52 -14.22 -2.23
N ILE B 251 3.27 -15.24 -1.41
CA ILE B 251 3.67 -16.63 -1.63
C ILE B 251 2.83 -17.24 -2.78
N PHE B 252 1.51 -17.07 -2.71
CA PHE B 252 0.62 -17.66 -3.69
C PHE B 252 0.36 -16.68 -4.84
N GLY B 253 0.28 -17.24 -6.05
CA GLY B 253 -0.29 -16.57 -7.23
C GLY B 253 -1.71 -17.06 -7.52
N LYS B 254 -2.24 -16.59 -8.66
CA LYS B 254 -3.67 -16.75 -9.06
C LYS B 254 -3.98 -18.21 -9.42
N GLU B 255 -3.10 -18.92 -10.15
CA GLU B 255 -3.47 -20.24 -10.70
C GLU B 255 -3.16 -21.39 -9.73
N TRP B 256 -4.16 -22.27 -9.51
CA TRP B 256 -4.03 -23.54 -8.77
C TRP B 256 -4.26 -24.75 -9.68
N ARG B 257 -3.46 -25.81 -9.50
CA ARG B 257 -3.70 -27.08 -10.22
C ARG B 257 -3.53 -28.24 -9.23
N THR B 258 -4.35 -29.29 -9.41
CA THR B 258 -4.22 -30.53 -8.65
C THR B 258 -3.30 -31.49 -9.40
N LEU B 259 -2.12 -31.77 -8.82
CA LEU B 259 -1.20 -32.75 -9.36
C LEU B 259 -1.59 -34.16 -8.88
N TYR B 260 -2.20 -34.30 -7.70
CA TYR B 260 -2.50 -35.63 -7.14
C TYR B 260 -3.60 -35.56 -6.07
N GLY B 261 -4.54 -36.51 -6.13
CA GLY B 261 -5.54 -36.70 -5.07
C GLY B 261 -6.62 -35.64 -5.09
N GLN B 262 -6.97 -35.15 -3.89
CA GLN B 262 -8.00 -34.13 -3.69
C GLN B 262 -7.33 -32.74 -3.75
N ASP B 263 -8.17 -31.70 -3.83
CA ASP B 263 -7.73 -30.31 -3.73
C ASP B 263 -8.16 -29.73 -2.38
N TYR B 264 -8.28 -30.60 -1.37
CA TYR B 264 -8.60 -30.21 0.00
C TYR B 264 -8.11 -31.33 0.93
N ILE B 265 -7.91 -30.99 2.22
CA ILE B 265 -7.89 -31.99 3.30
C ILE B 265 -9.12 -31.77 4.17
N THR B 266 -9.46 -32.80 4.94
CA THR B 266 -10.45 -32.69 6.01
C THR B 266 -9.75 -32.60 7.38
N ASP B 267 -10.27 -31.73 8.24
CA ASP B 267 -9.88 -31.70 9.67
C ASP B 267 -11.18 -31.50 10.46
N GLN B 268 -11.13 -31.63 11.77
CA GLN B 268 -12.30 -31.31 12.57
C GLN B 268 -11.91 -30.25 13.63
N MET B 269 -12.86 -29.34 13.84
CA MET B 269 -12.88 -28.37 14.92
C MET B 269 -14.24 -28.46 15.61
N LEU B 270 -14.25 -28.65 16.94
CA LEU B 270 -15.47 -28.67 17.77
C LEU B 270 -16.42 -29.76 17.28
N GLY B 271 -15.88 -30.91 16.86
CA GLY B 271 -16.69 -32.08 16.43
C GLY B 271 -17.35 -31.93 15.05
N ASN B 272 -17.07 -30.83 14.34
CA ASN B 272 -17.54 -30.62 12.95
C ASN B 272 -16.39 -30.87 11.96
N ASP B 273 -16.70 -31.54 10.83
CA ASP B 273 -15.72 -31.80 9.75
C ASP B 273 -15.65 -30.60 8.81
N PHE B 274 -14.44 -30.16 8.49
CA PHE B 274 -14.18 -29.06 7.56
C PHE B 274 -13.22 -29.51 6.46
N GLN B 275 -13.62 -29.28 5.21
CA GLN B 275 -12.75 -29.38 4.08
C GLN B 275 -12.03 -28.04 3.92
N ILE B 276 -10.72 -28.14 3.65
CA ILE B 276 -9.83 -27.03 3.62
C ILE B 276 -9.01 -27.12 2.33
N ALA B 277 -9.20 -26.11 1.47
CA ALA B 277 -8.41 -25.93 0.26
C ALA B 277 -7.10 -25.20 0.60
N GLY B 278 -6.12 -25.37 -0.30
CA GLY B 278 -4.76 -24.85 -0.16
C GLY B 278 -4.73 -23.36 0.17
N PRO B 279 -5.42 -22.51 -0.60
CA PRO B 279 -5.42 -21.07 -0.34
C PRO B 279 -6.49 -20.57 0.66
N ALA B 280 -7.19 -21.47 1.34
CA ALA B 280 -8.15 -21.03 2.36
C ALA B 280 -7.44 -20.85 3.69
N PHE B 281 -7.79 -19.81 4.44
CA PHE B 281 -7.26 -19.64 5.79
C PHE B 281 -7.87 -20.73 6.67
N TYR B 282 -7.04 -21.25 7.57
CA TYR B 282 -7.41 -22.16 8.63
C TYR B 282 -6.48 -21.86 9.82
N GLN B 283 -7.00 -21.76 11.04
CA GLN B 283 -6.15 -21.34 12.16
C GLN B 283 -5.01 -22.35 12.27
N VAL B 284 -3.79 -21.86 12.49
CA VAL B 284 -2.59 -22.68 12.39
C VAL B 284 -2.36 -23.48 13.68
N ASN B 285 -3.10 -23.14 14.75
CA ASN B 285 -3.02 -23.83 16.04
C ASN B 285 -4.42 -24.30 16.42
N THR B 286 -4.75 -25.56 16.13
CA THR B 286 -6.12 -26.02 16.20
C THR B 286 -6.60 -26.17 17.65
N GLU B 287 -5.77 -26.79 18.48
CA GLU B 287 -5.99 -26.96 19.94
C GLU B 287 -6.44 -25.66 20.61
N MET B 288 -5.76 -24.54 20.30
CA MET B 288 -6.04 -23.26 20.92
C MET B 288 -7.16 -22.51 20.17
N ALA B 289 -7.27 -22.70 18.85
CA ALA B 289 -8.37 -22.14 18.09
C ALA B 289 -9.73 -22.61 18.68
N GLU B 290 -9.78 -23.88 19.12
CA GLU B 290 -10.97 -24.47 19.71
C GLU B 290 -11.35 -23.73 21.01
N LYS B 291 -10.37 -23.34 21.82
CA LYS B 291 -10.63 -22.58 23.05
C LYS B 291 -10.99 -21.13 22.71
N LEU B 292 -10.32 -20.53 21.71
CA LEU B 292 -10.61 -19.17 21.27
C LEU B 292 -12.06 -19.05 20.77
N TYR B 293 -12.48 -20.02 19.94
CA TYR B 293 -13.85 -20.05 19.38
C TYR B 293 -14.88 -20.22 20.50
N GLN B 294 -14.65 -21.20 21.38
CA GLN B 294 -15.50 -21.50 22.54
C GLN B 294 -15.65 -20.24 23.42
N THR B 295 -14.53 -19.55 23.68
CA THR B 295 -14.50 -18.27 24.38
C THR B 295 -15.45 -17.27 23.73
N ALA B 296 -15.37 -17.13 22.39
CA ALA B 296 -16.23 -16.18 21.67
C ALA B 296 -17.71 -16.54 21.86
N ILE B 297 -18.03 -17.84 21.88
CA ILE B 297 -19.38 -18.36 22.02
C ILE B 297 -19.93 -17.99 23.40
N ASP B 298 -19.09 -18.16 24.43
CA ASP B 298 -19.51 -17.93 25.81
C ASP B 298 -19.70 -16.42 26.07
N PHE B 299 -18.87 -15.57 25.43
CA PHE B 299 -19.00 -14.11 25.55
C PHE B 299 -20.33 -13.64 24.95
N ALA B 300 -20.72 -14.27 23.83
CA ALA B 300 -21.84 -13.84 23.01
C ALA B 300 -23.18 -14.29 23.60
N GLU B 301 -23.18 -15.29 24.51
CA GLU B 301 -24.41 -15.78 25.17
C GLU B 301 -25.51 -16.08 24.12
N LEU B 302 -25.22 -16.99 23.19
CA LEU B 302 -26.14 -17.26 22.09
C LEU B 302 -27.43 -17.86 22.67
N LYS B 303 -28.58 -17.58 22.02
CA LYS B 303 -29.86 -18.28 22.30
C LYS B 303 -30.46 -18.80 20.99
N LYS B 304 -31.44 -19.69 21.14
CA LYS B 304 -32.05 -20.46 20.05
C LYS B 304 -32.65 -19.53 18.98
N ASP B 305 -32.89 -18.26 19.35
CA ASP B 305 -33.61 -17.30 18.50
C ASP B 305 -32.64 -16.27 17.89
N ASP B 306 -31.33 -16.42 18.13
CA ASP B 306 -30.38 -15.43 17.68
C ASP B 306 -30.17 -15.54 16.16
N VAL B 307 -29.80 -14.43 15.53
CA VAL B 307 -29.42 -14.39 14.14
C VAL B 307 -28.03 -13.75 14.03
N ILE B 308 -27.04 -14.59 13.73
CA ILE B 308 -25.65 -14.24 13.68
C ILE B 308 -25.28 -13.84 12.25
N ILE B 309 -24.50 -12.76 12.11
CA ILE B 309 -23.73 -12.55 10.92
C ILE B 309 -22.26 -12.90 11.21
N ASP B 310 -21.70 -13.73 10.32
CA ASP B 310 -20.32 -14.21 10.38
C ASP B 310 -19.56 -13.48 9.27
N ALA B 311 -19.00 -12.32 9.61
CA ALA B 311 -18.23 -11.55 8.65
C ALA B 311 -16.80 -12.13 8.59
N TYR B 312 -16.22 -12.17 7.39
CA TYR B 312 -14.83 -12.69 7.17
C TYR B 312 -14.79 -14.19 7.57
N SER B 313 -15.71 -14.97 6.98
CA SER B 313 -16.10 -16.28 7.51
C SER B 313 -15.10 -17.38 7.12
N GLY B 314 -14.38 -17.15 6.01
CA GLY B 314 -13.42 -18.12 5.50
C GLY B 314 -14.11 -19.37 4.98
N ILE B 315 -13.76 -20.52 5.56
CA ILE B 315 -14.38 -21.78 5.27
C ILE B 315 -15.53 -22.03 6.25
N GLY B 316 -15.87 -21.01 7.05
CA GLY B 316 -17.06 -21.00 7.91
C GLY B 316 -16.87 -21.79 9.19
N THR B 317 -15.68 -21.69 9.80
CA THR B 317 -15.38 -22.46 11.01
C THR B 317 -16.15 -21.90 12.22
N ILE B 318 -16.34 -20.57 12.26
CA ILE B 318 -17.09 -19.94 13.34
C ILE B 318 -18.60 -20.15 13.10
N GLY B 319 -19.13 -19.49 12.08
CA GLY B 319 -20.46 -19.76 11.57
C GLY B 319 -20.96 -21.15 11.92
N LEU B 320 -20.37 -22.20 11.34
CA LEU B 320 -20.98 -23.55 11.36
C LEU B 320 -20.79 -24.22 12.73
N SER B 321 -19.91 -23.67 13.57
CA SER B 321 -19.67 -24.20 14.93
C SER B 321 -20.64 -23.57 15.94
N VAL B 322 -21.42 -22.55 15.51
CA VAL B 322 -22.48 -21.93 16.32
C VAL B 322 -23.86 -22.28 15.76
N ALA B 323 -23.93 -22.94 14.60
CA ALA B 323 -25.15 -23.02 13.83
C ALA B 323 -26.21 -23.90 14.55
N LYS B 324 -25.74 -24.85 15.35
CA LYS B 324 -26.61 -25.80 16.08
C LYS B 324 -27.39 -25.09 17.21
N HIS B 325 -26.80 -24.03 17.80
CA HIS B 325 -27.30 -23.34 18.99
C HIS B 325 -28.15 -22.07 18.69
N VAL B 326 -28.51 -21.82 17.42
CA VAL B 326 -28.99 -20.50 16.99
C VAL B 326 -30.07 -20.66 15.91
N LYS B 327 -30.77 -19.57 15.57
CA LYS B 327 -31.84 -19.61 14.54
C LYS B 327 -31.24 -19.67 13.13
N GLU B 328 -30.44 -18.66 12.75
CA GLU B 328 -29.86 -18.58 11.40
C GLU B 328 -28.44 -18.00 11.48
N VAL B 329 -27.61 -18.42 10.51
CA VAL B 329 -26.25 -17.93 10.32
C VAL B 329 -26.16 -17.36 8.92
N TYR B 330 -25.63 -16.13 8.80
CA TYR B 330 -25.40 -15.45 7.55
C TYR B 330 -23.91 -15.08 7.44
N GLY B 331 -23.20 -15.62 6.45
CA GLY B 331 -21.74 -15.42 6.34
C GLY B 331 -21.31 -14.77 5.04
N VAL B 332 -20.28 -13.91 5.09
CA VAL B 332 -19.67 -13.26 3.91
C VAL B 332 -18.21 -13.69 3.85
N GLU B 333 -17.71 -13.97 2.63
CA GLU B 333 -16.29 -14.31 2.39
C GLU B 333 -15.76 -13.51 1.19
N LEU B 334 -14.43 -13.46 1.04
CA LEU B 334 -13.75 -12.77 -0.08
C LEU B 334 -13.53 -13.73 -1.26
N ILE B 335 -12.88 -14.87 -1.00
CA ILE B 335 -12.40 -15.81 -2.03
C ILE B 335 -13.39 -16.96 -2.21
N PRO B 336 -13.90 -17.18 -3.45
CA PRO B 336 -14.80 -18.31 -3.76
C PRO B 336 -14.40 -19.72 -3.26
N GLU B 337 -13.15 -20.14 -3.51
CA GLU B 337 -12.69 -21.49 -3.08
C GLU B 337 -13.02 -21.76 -1.60
N ALA B 338 -13.07 -20.69 -0.79
CA ALA B 338 -13.37 -20.73 0.64
C ALA B 338 -14.89 -20.71 0.88
N VAL B 339 -15.62 -19.90 0.10
CA VAL B 339 -17.09 -19.89 0.13
C VAL B 339 -17.63 -21.27 -0.24
N GLU B 340 -17.04 -21.89 -1.29
CA GLU B 340 -17.48 -23.18 -1.79
C GLU B 340 -17.10 -24.27 -0.79
N ASN B 341 -15.98 -24.08 -0.06
CA ASN B 341 -15.75 -24.86 1.16
C ASN B 341 -16.93 -24.60 2.14
N SER B 342 -17.32 -23.34 2.31
CA SER B 342 -18.35 -22.94 3.32
C SER B 342 -19.65 -23.73 3.11
N GLN B 343 -20.21 -23.59 1.89
CA GLN B 343 -21.49 -24.17 1.51
C GLN B 343 -21.42 -25.68 1.56
N LYS B 344 -20.25 -26.22 1.22
CA LYS B 344 -20.01 -27.66 1.21
C LYS B 344 -19.80 -28.15 2.64
N ASN B 345 -19.21 -27.29 3.49
CA ASN B 345 -18.93 -27.61 4.88
C ASN B 345 -20.26 -27.63 5.67
N ALA B 346 -21.15 -26.67 5.36
CA ALA B 346 -22.56 -26.69 5.83
C ALA B 346 -23.21 -28.04 5.48
N SER B 347 -23.23 -28.36 4.18
CA SER B 347 -23.79 -29.61 3.64
C SER B 347 -23.20 -30.84 4.37
N LEU B 348 -21.88 -30.85 4.54
CA LEU B 348 -21.13 -32.00 5.07
C LEU B 348 -21.55 -32.32 6.51
N ASN B 349 -21.89 -31.30 7.31
CA ASN B 349 -22.28 -31.48 8.71
C ASN B 349 -23.82 -31.41 8.87
N LYS B 350 -24.53 -31.51 7.74
CA LYS B 350 -25.99 -31.37 7.64
C LYS B 350 -26.50 -30.18 8.47
N ILE B 351 -26.12 -28.99 8.01
CA ILE B 351 -26.53 -27.73 8.62
C ILE B 351 -27.31 -26.95 7.56
N THR B 352 -28.59 -26.70 7.87
CA THR B 352 -29.56 -26.13 6.93
C THR B 352 -29.73 -24.62 7.17
N ASN B 353 -29.30 -24.14 8.35
CA ASN B 353 -29.61 -22.79 8.83
C ASN B 353 -28.38 -21.87 8.74
N ALA B 354 -27.51 -22.07 7.74
CA ALA B 354 -26.31 -21.23 7.56
C ALA B 354 -26.19 -20.78 6.11
N HIS B 355 -26.17 -19.47 5.86
CA HIS B 355 -26.31 -18.89 4.52
C HIS B 355 -25.08 -18.05 4.14
N TYR B 356 -24.31 -18.54 3.15
CA TYR B 356 -23.03 -17.97 2.76
C TYR B 356 -23.14 -17.35 1.37
N VAL B 357 -22.30 -16.32 1.15
CA VAL B 357 -22.31 -15.41 0.02
C VAL B 357 -20.84 -15.14 -0.33
N CYS B 358 -20.54 -14.85 -1.60
CA CYS B 358 -19.24 -14.25 -1.95
C CYS B 358 -19.45 -12.75 -2.04
N ASP B 359 -18.52 -11.98 -1.47
CA ASP B 359 -18.57 -10.54 -1.51
C ASP B 359 -17.49 -9.95 -0.58
N THR B 360 -17.45 -8.61 -0.55
CA THR B 360 -16.89 -7.84 0.54
C THR B 360 -17.94 -7.73 1.65
N ALA B 361 -17.47 -7.65 2.90
CA ALA B 361 -18.34 -7.71 4.08
C ALA B 361 -19.33 -6.53 4.06
N GLU B 362 -18.96 -5.41 3.45
CA GLU B 362 -19.78 -4.18 3.46
C GLU B 362 -21.07 -4.37 2.64
N ASN B 363 -20.93 -4.96 1.46
CA ASN B 363 -21.99 -5.02 0.44
C ASN B 363 -23.08 -6.01 0.84
N ALA B 364 -22.66 -7.19 1.31
CA ALA B 364 -23.56 -8.25 1.80
C ALA B 364 -24.42 -7.72 2.95
N MET B 365 -23.84 -6.79 3.74
CA MET B 365 -24.58 -6.11 4.80
C MET B 365 -25.61 -5.17 4.16
N LYS B 366 -25.16 -4.37 3.19
CA LYS B 366 -26.03 -3.48 2.39
C LYS B 366 -27.19 -4.28 1.79
N LYS B 367 -26.88 -5.42 1.14
CA LYS B 367 -27.89 -6.31 0.55
C LYS B 367 -28.82 -6.88 1.64
N TRP B 368 -28.24 -7.30 2.78
CA TRP B 368 -29.01 -7.91 3.89
C TRP B 368 -29.89 -6.88 4.61
N LEU B 369 -29.43 -5.62 4.69
CA LEU B 369 -30.21 -4.49 5.26
C LEU B 369 -31.50 -4.30 4.45
N LYS B 370 -31.34 -4.23 3.12
CA LYS B 370 -32.45 -4.03 2.18
C LYS B 370 -33.37 -5.28 2.15
N GLU B 371 -32.77 -6.47 2.30
CA GLU B 371 -33.49 -7.77 2.24
C GLU B 371 -34.40 -7.96 3.46
N GLY B 372 -34.07 -7.30 4.59
CA GLY B 372 -34.91 -7.31 5.80
C GLY B 372 -34.40 -8.28 6.86
N ILE B 373 -33.17 -8.77 6.70
CA ILE B 373 -32.55 -9.66 7.68
C ILE B 373 -32.06 -8.80 8.86
N GLN B 374 -32.52 -9.11 10.08
CA GLN B 374 -32.20 -8.30 11.29
C GLN B 374 -31.35 -9.12 12.27
N PRO B 375 -30.00 -8.99 12.23
CA PRO B 375 -29.13 -9.80 13.07
C PRO B 375 -29.09 -9.31 14.53
N THR B 376 -28.95 -10.26 15.46
CA THR B 376 -28.81 -9.99 16.88
C THR B 376 -27.32 -9.87 17.24
N VAL B 377 -26.46 -10.65 16.60
CA VAL B 377 -25.03 -10.71 16.93
C VAL B 377 -24.20 -10.50 15.67
N ILE B 378 -22.99 -9.95 15.86
CA ILE B 378 -21.99 -9.94 14.80
C ILE B 378 -20.70 -10.61 15.31
N LEU B 379 -20.25 -11.63 14.59
CA LEU B 379 -18.95 -12.25 14.78
C LEU B 379 -18.06 -11.85 13.59
N VAL B 380 -16.91 -11.25 13.90
CA VAL B 380 -15.90 -10.85 12.93
C VAL B 380 -14.54 -11.40 13.36
N ASP B 381 -13.78 -11.88 12.37
CA ASP B 381 -12.44 -12.38 12.56
C ASP B 381 -11.59 -11.86 11.41
N PRO B 382 -11.13 -10.61 11.45
CA PRO B 382 -10.48 -10.01 10.28
C PRO B 382 -9.02 -10.46 10.25
N PRO B 383 -8.30 -10.27 9.12
CA PRO B 383 -6.85 -10.45 9.07
C PRO B 383 -6.16 -9.30 9.82
N ARG B 384 -4.83 -9.26 9.80
CA ARG B 384 -4.01 -8.38 10.62
C ARG B 384 -4.43 -6.91 10.48
N LYS B 385 -4.83 -6.51 9.27
CA LYS B 385 -5.08 -5.07 9.02
C LYS B 385 -6.39 -4.59 9.67
N GLY B 386 -7.19 -5.49 10.25
CA GLY B 386 -8.41 -5.11 10.96
C GLY B 386 -9.61 -4.89 10.05
N LEU B 387 -10.56 -4.09 10.54
CA LEU B 387 -11.79 -3.71 9.82
C LEU B 387 -11.65 -2.33 9.16
N THR B 388 -12.42 -2.09 8.09
CA THR B 388 -12.50 -0.77 7.46
C THR B 388 -13.59 0.05 8.17
N GLU B 389 -13.46 1.38 8.16
CA GLU B 389 -14.47 2.27 8.71
C GLU B 389 -15.86 1.90 8.17
N SER B 390 -15.92 1.75 6.85
CA SER B 390 -17.16 1.48 6.12
C SER B 390 -17.85 0.22 6.69
N PHE B 391 -17.07 -0.79 7.08
CA PHE B 391 -17.65 -1.99 7.66
C PHE B 391 -18.16 -1.73 9.08
N ILE B 392 -17.38 -0.98 9.86
CA ILE B 392 -17.71 -0.70 11.25
C ILE B 392 -19.06 0.02 11.30
N LYS B 393 -19.23 1.07 10.49
CA LYS B 393 -20.44 1.91 10.41
C LYS B 393 -21.65 1.12 9.92
N ALA B 394 -21.45 0.31 8.87
CA ALA B 394 -22.53 -0.52 8.33
C ALA B 394 -22.97 -1.55 9.38
N SER B 395 -22.02 -2.05 10.18
CA SER B 395 -22.26 -3.10 11.23
C SER B 395 -23.05 -2.56 12.41
N ALA B 396 -22.84 -1.27 12.73
CA ALA B 396 -23.47 -0.59 13.85
C ALA B 396 -24.91 -0.20 13.52
N GLN B 397 -25.23 -0.14 12.21
CA GLN B 397 -26.55 0.28 11.74
C GLN B 397 -27.54 -0.90 11.68
N THR B 398 -27.08 -2.12 11.98
CA THR B 398 -27.96 -3.31 11.89
C THR B 398 -28.79 -3.46 13.16
N GLY B 399 -28.39 -2.75 14.23
CA GLY B 399 -29.06 -2.82 15.52
C GLY B 399 -28.47 -3.89 16.42
N ALA B 400 -27.71 -4.83 15.86
CA ALA B 400 -27.12 -5.94 16.61
C ALA B 400 -26.61 -5.41 17.96
N ASP B 401 -27.01 -6.06 19.04
CA ASP B 401 -26.74 -5.55 20.37
C ASP B 401 -25.35 -6.03 20.83
N ARG B 402 -24.88 -7.17 20.31
CA ARG B 402 -23.60 -7.76 20.68
C ARG B 402 -22.69 -7.84 19.45
N ILE B 403 -21.38 -7.65 19.68
CA ILE B 403 -20.33 -7.89 18.70
C ILE B 403 -19.16 -8.61 19.38
N ALA B 404 -18.81 -9.79 18.88
CA ALA B 404 -17.63 -10.47 19.33
C ALA B 404 -16.57 -10.34 18.24
N TYR B 405 -15.48 -9.65 18.59
CA TYR B 405 -14.39 -9.32 17.71
C TYR B 405 -13.19 -10.20 18.08
N ILE B 406 -12.87 -11.15 17.18
CA ILE B 406 -11.68 -11.98 17.32
C ILE B 406 -10.57 -11.34 16.51
N SER B 407 -9.38 -11.17 17.12
CA SER B 407 -8.30 -10.40 16.53
C SER B 407 -6.96 -11.16 16.62
N CYS B 408 -6.18 -11.08 15.55
CA CYS B 408 -4.78 -11.51 15.62
C CYS B 408 -3.83 -10.32 15.63
N ASN B 409 -4.33 -9.11 15.92
CA ASN B 409 -3.46 -7.91 15.99
C ASN B 409 -4.12 -6.81 16.83
N VAL B 410 -3.64 -6.65 18.08
CA VAL B 410 -4.27 -5.75 19.06
C VAL B 410 -4.24 -4.29 18.57
N ALA B 411 -3.21 -3.91 17.80
CA ALA B 411 -3.08 -2.53 17.32
C ALA B 411 -4.34 -2.11 16.56
N THR B 412 -4.71 -2.89 15.53
CA THR B 412 -5.87 -2.58 14.69
C THR B 412 -7.17 -2.79 15.46
N MET B 413 -7.25 -3.85 16.28
CA MET B 413 -8.42 -4.15 17.10
C MET B 413 -8.82 -2.94 17.93
N ALA B 414 -7.85 -2.36 18.64
CA ALA B 414 -8.06 -1.23 19.53
C ALA B 414 -8.62 -0.05 18.74
N ARG B 415 -7.99 0.25 17.60
CA ARG B 415 -8.40 1.31 16.68
C ARG B 415 -9.88 1.10 16.32
N ASP B 416 -10.24 -0.15 16.05
CA ASP B 416 -11.57 -0.49 15.62
C ASP B 416 -12.56 -0.34 16.78
N ILE B 417 -12.11 -0.69 17.99
CA ILE B 417 -12.94 -0.60 19.17
C ILE B 417 -13.26 0.87 19.46
N LYS B 418 -12.23 1.72 19.44
CA LYS B 418 -12.36 3.16 19.67
C LYS B 418 -13.46 3.74 18.76
N LEU B 419 -13.54 3.25 17.52
CA LEU B 419 -14.57 3.70 16.59
C LEU B 419 -15.95 3.22 17.05
N TYR B 420 -16.03 1.94 17.45
CA TYR B 420 -17.28 1.30 17.81
C TYR B 420 -17.90 1.97 19.05
N GLN B 421 -17.08 2.63 19.88
CA GLN B 421 -17.53 3.30 21.08
C GLN B 421 -18.27 4.61 20.69
N GLU B 422 -17.80 5.28 19.62
CA GLU B 422 -18.42 6.52 19.16
C GLU B 422 -19.77 6.26 18.47
N LEU B 423 -20.10 4.97 18.27
CA LEU B 423 -21.34 4.54 17.65
C LEU B 423 -22.18 3.74 18.65
N GLY B 424 -21.83 3.86 19.93
CA GLY B 424 -22.66 3.41 21.04
C GLY B 424 -22.36 1.99 21.50
N TYR B 425 -21.15 1.52 21.24
CA TYR B 425 -20.72 0.19 21.71
C TYR B 425 -19.74 0.39 22.86
N GLU B 426 -20.01 -0.26 23.99
CA GLU B 426 -19.10 -0.30 25.13
C GLU B 426 -18.34 -1.63 25.09
N LEU B 427 -17.05 -1.58 25.40
CA LEU B 427 -16.21 -2.77 25.53
C LEU B 427 -16.47 -3.42 26.88
N LYS B 428 -16.97 -4.66 26.86
CA LYS B 428 -17.48 -5.33 28.07
C LYS B 428 -16.46 -6.32 28.62
N LYS B 429 -15.78 -7.08 27.74
CA LYS B 429 -14.72 -7.97 28.23
C LYS B 429 -13.68 -8.24 27.12
N VAL B 430 -12.50 -8.66 27.55
CA VAL B 430 -11.39 -8.92 26.65
C VAL B 430 -10.62 -10.14 27.14
N GLN B 431 -10.39 -11.12 26.28
CA GLN B 431 -9.69 -12.35 26.70
C GLN B 431 -8.58 -12.69 25.70
N PRO B 432 -7.28 -12.44 26.03
CA PRO B 432 -6.18 -12.91 25.18
C PRO B 432 -6.09 -14.45 25.20
N VAL B 433 -5.72 -15.03 24.05
CA VAL B 433 -5.52 -16.46 23.89
C VAL B 433 -4.18 -16.65 23.16
N ASP B 434 -3.39 -17.64 23.59
CA ASP B 434 -2.02 -17.84 23.04
C ASP B 434 -2.07 -18.85 21.88
N LEU B 435 -2.35 -18.30 20.68
CA LEU B 435 -2.42 -19.11 19.46
C LEU B 435 -1.01 -19.30 18.90
N PHE B 436 -0.08 -18.41 19.26
CA PHE B 436 1.29 -18.41 18.72
C PHE B 436 2.32 -18.36 19.84
N PRO B 437 2.46 -19.41 20.67
CA PRO B 437 3.52 -19.50 21.65
C PRO B 437 4.92 -19.47 21.02
N GLN B 438 5.86 -18.95 21.82
CA GLN B 438 7.26 -18.66 21.45
C GLN B 438 7.34 -17.47 20.47
N THR B 439 6.22 -16.80 20.16
CA THR B 439 6.26 -15.62 19.28
C THR B 439 5.67 -14.45 20.04
N HIS B 440 5.83 -13.26 19.47
CA HIS B 440 5.31 -12.07 20.09
C HIS B 440 3.81 -11.92 19.83
N HIS B 441 3.25 -12.67 18.87
CA HIS B 441 1.85 -12.47 18.45
C HIS B 441 0.86 -12.88 19.56
N VAL B 442 -0.24 -12.13 19.63
CA VAL B 442 -1.28 -12.27 20.63
C VAL B 442 -2.63 -12.33 19.92
N GLN B 443 -3.45 -13.29 20.33
CA GLN B 443 -4.80 -13.42 19.81
C GLN B 443 -5.77 -12.97 20.90
N THR B 444 -6.77 -12.17 20.55
CA THR B 444 -7.71 -11.66 21.54
C THR B 444 -9.15 -11.88 21.05
N VAL B 445 -10.08 -12.06 22.00
CA VAL B 445 -11.52 -11.94 21.79
C VAL B 445 -12.01 -10.78 22.65
N ALA B 446 -12.64 -9.77 22.04
CA ALA B 446 -13.32 -8.72 22.79
C ALA B 446 -14.82 -8.80 22.50
N LEU B 447 -15.64 -8.68 23.56
CA LEU B 447 -17.09 -8.56 23.47
C LEU B 447 -17.49 -7.08 23.54
N LEU B 448 -18.24 -6.63 22.55
CA LEU B 448 -18.77 -5.27 22.49
C LEU B 448 -20.28 -5.33 22.67
N SER B 449 -20.86 -4.28 23.28
CA SER B 449 -22.24 -4.31 23.72
C SER B 449 -22.92 -2.98 23.44
N LYS B 450 -24.16 -3.07 22.95
CA LYS B 450 -24.99 -1.92 22.69
C LYS B 450 -25.53 -1.39 24.02
N LEU B 451 -25.11 -0.18 24.38
CA LEU B 451 -25.79 0.58 25.41
C LEU B 451 -26.97 1.29 24.74
N ASP B 452 -26.68 2.41 24.05
CA ASP B 452 -27.68 3.32 23.48
C ASP B 452 -28.55 2.55 22.48
N VAL B 453 -29.80 2.99 22.29
CA VAL B 453 -30.63 2.46 21.22
C VAL B 453 -31.49 3.63 20.73
N ASP B 454 -31.24 4.04 19.49
CA ASP B 454 -31.93 5.16 18.85
C ASP B 454 -32.29 4.73 17.43
C5 MUM C 5 -1.64 11.97 -14.90
C5M MUM C 5 -3.04 12.11 -14.35
C4 MUM C 5 -1.50 13.16 -15.81
O4 MUM C 5 -1.98 13.11 -16.92
N3 MUM C 5 -0.89 14.26 -15.40
C6 MUM C 5 -0.57 11.94 -13.81
N1 MUM C 5 -0.37 13.35 -13.37
C2 MUM C 5 -0.51 14.41 -14.12
O2 MUM C 5 -0.27 15.52 -13.66
C1' MUM C 5 0.09 13.49 -12.00
O4' MUM C 5 -0.84 14.25 -11.23
C4' MUM C 5 -0.14 14.92 -10.17
C3' MUM C 5 1.16 15.37 -10.88
O3' MUM C 5 2.26 15.71 -9.98
C2' MUM C 5 1.44 14.23 -11.89
O2' MUM C 5 2.42 13.34 -11.36
C5' MUM C 5 -1.08 16.00 -9.62
O5' MUM C 5 -2.15 15.30 -9.00
P MUM C 5 -3.18 15.91 -7.91
O2P MUM C 5 -4.53 15.31 -8.23
O1P MUM C 5 -3.23 17.40 -8.13
C5 MUM D 5 -6.54 -13.50 12.15
C5M MUM D 5 -7.40 -13.83 10.95
C4 MUM D 5 -6.58 -14.73 13.04
O4 MUM D 5 -7.57 -14.92 13.70
N3 MUM D 5 -5.57 -15.57 13.08
C6 MUM D 5 -5.15 -13.04 11.75
N1 MUM D 5 -4.28 -14.25 11.71
C2 MUM D 5 -4.48 -15.41 12.32
O2 MUM D 5 -3.69 -16.32 12.18
C1' MUM D 5 -3.04 -14.04 10.98
O4' MUM D 5 -2.97 -14.85 9.80
C4' MUM D 5 -1.63 -15.23 9.54
C3' MUM D 5 -1.03 -15.42 10.93
O3' MUM D 5 0.39 -15.38 10.86
C2' MUM D 5 -1.77 -14.36 11.79
O2' MUM D 5 -1.01 -13.17 11.95
C5' MUM D 5 -1.59 -16.51 8.68
O5' MUM D 5 -2.29 -16.16 7.48
P MUM D 5 -2.24 -17.02 6.14
O2P MUM D 5 -1.91 -18.44 6.57
O1P MUM D 5 -3.63 -16.85 5.59
N SAH E . -7.07 14.67 -17.92
CA SAH E . -8.31 14.83 -17.10
CB SAH E . -8.39 13.88 -15.88
CG SAH E . -7.32 12.78 -15.70
SD SAH E . -6.78 12.65 -14.00
C SAH E . -8.48 16.32 -16.73
O SAH E . -7.73 17.21 -17.19
OXT SAH E . -9.39 16.71 -15.99
C5' SAH E . -7.14 11.00 -13.46
C4' SAH E . -8.57 10.95 -12.90
O4' SAH E . -9.00 9.58 -12.90
C3' SAH E . -8.67 11.45 -11.46
O3' SAH E . -9.71 12.44 -11.32
C2' SAH E . -8.95 10.19 -10.63
O2' SAH E . -9.78 10.45 -9.48
C1' SAH E . -9.61 9.25 -11.65
N9 SAH E . -9.47 7.79 -11.39
C8 SAH E . -8.51 7.17 -10.68
N7 SAH E . -8.70 5.84 -10.65
C5 SAH E . -9.81 5.58 -11.36
C6 SAH E . -10.54 4.35 -11.71
N6 SAH E . -10.06 3.17 -11.26
N1 SAH E . -11.67 4.48 -12.47
C2 SAH E . -12.10 5.70 -12.89
N3 SAH E . -11.48 6.87 -12.61
C4 SAH E . -10.33 6.87 -11.85
NI NI F . 10.11 10.00 -10.43
N SAH G . -13.02 -17.93 9.53
CA SAH G . -11.53 -17.92 9.64
CB SAH G . -11.05 -16.51 10.01
CG SAH G . -11.05 -15.61 8.79
SD SAH G . -9.45 -15.08 8.30
C SAH G . -11.11 -18.89 10.70
O SAH G . -11.35 -18.65 11.88
OXT SAH G . -10.55 -19.96 10.39
C5' SAH G . -9.84 -13.64 7.35
C4' SAH G . -10.68 -14.08 6.16
O4' SAH G . -11.44 -12.96 5.71
C3' SAH G . -9.82 -14.57 5.01
O3' SAH G . -10.40 -15.76 4.49
C2' SAH G . -9.81 -13.39 4.04
O2' SAH G . -9.63 -13.77 2.68
C1' SAH G . -11.19 -12.77 4.32
N9 SAH G . -11.36 -11.32 4.06
C8 SAH G . -10.38 -10.42 3.97
N7 SAH G . -10.89 -9.22 3.70
C5 SAH G . -12.21 -9.33 3.63
C6 SAH G . -13.33 -8.40 3.41
N6 SAH G . -13.03 -7.08 3.21
N1 SAH G . -14.61 -8.90 3.43
C2 SAH G . -14.84 -10.23 3.64
N3 SAH G . -13.85 -11.14 3.85
C4 SAH G . -12.54 -10.74 3.87
NI NI H . 4.13 -7.53 15.54
#